data_4K91
#
_entry.id   4K91
#
_cell.length_a   232.143
_cell.length_b   39.909
_cell.length_c   85.461
_cell.angle_alpha   90.000
_cell.angle_beta   111.030
_cell.angle_gamma   90.000
#
_symmetry.space_group_name_H-M   'C 1 2 1'
#
loop_
_entity.id
_entity.type
_entity.pdbx_description
1 polymer D-ala-D-ala-carboxypeptidase
2 non-polymer 'SUCCINIC ACID'
3 water water
#
_entity_poly.entity_id   1
_entity_poly.type   'polypeptide(L)'
_entity_poly.pdbx_seq_one_letter_code
;MAESMVPAPPQLAAKSYVLMDGESGQVLVENNGDQRLPPASLTKLMTAYIATKEIEAGRIGENDLVTVSEHAWRTGGSRM
FIKVGSQVSVSDLLHGIIIQSGNDASVALAEHIAGSEDAFADMMNTTAQKLGLTNSHFMDATGLPNPDHYSSARDMAVLA
RAIIYGEPSHYAIYAQKEFLWNNIKQPNRNLLLWRDKTVDGLKTGHTDEAGYCLVASAVRDGQRMIAVVFGTNSEQARAA
ETQKLLTYGFRFFESRNFYKKGTELTKGLVWKGSEHEVKAGLAEDLTMTLPRGQMQKLQASMVLEPQLMAPIQQGQVIGK
VEVKLDDKVIRSADLVALNAVEEGGF
;
_entity_poly.pdbx_strand_id   A,B
#
loop_
_chem_comp.id
_chem_comp.type
_chem_comp.name
_chem_comp.formula
SIN non-polymer 'SUCCINIC ACID' 'C4 H6 O4'
#
# COMPACT_ATOMS: atom_id res chain seq x y z
N GLU A 3 32.32 -44.62 -0.77
CA GLU A 3 32.15 -45.35 0.52
C GLU A 3 30.70 -45.27 0.99
N SER A 4 30.52 -44.83 2.23
CA SER A 4 29.18 -44.63 2.78
C SER A 4 28.80 -43.15 2.69
N MET A 5 28.86 -42.62 1.47
CA MET A 5 28.55 -41.23 1.21
C MET A 5 27.04 -41.01 1.13
N VAL A 6 26.55 -40.12 1.98
CA VAL A 6 25.12 -39.81 2.07
C VAL A 6 24.53 -39.44 0.72
N PRO A 7 23.18 -39.51 0.61
CA PRO A 7 22.49 -39.19 -0.64
C PRO A 7 22.76 -37.76 -1.07
N ALA A 8 22.70 -37.51 -2.38
CA ALA A 8 22.89 -36.17 -2.89
C ALA A 8 21.71 -35.32 -2.41
N PRO A 9 21.89 -34.00 -2.39
CA PRO A 9 20.83 -33.11 -1.91
C PRO A 9 19.67 -33.05 -2.90
N PRO A 10 18.45 -32.77 -2.43
CA PRO A 10 17.35 -32.63 -3.38
C PRO A 10 17.67 -31.50 -4.35
N GLN A 11 17.26 -31.65 -5.60
CA GLN A 11 17.37 -30.56 -6.55
C GLN A 11 16.03 -29.81 -6.47
N LEU A 12 16.08 -28.55 -6.08
CA LEU A 12 14.86 -27.80 -5.82
C LEU A 12 14.47 -26.96 -7.00
N ALA A 13 13.17 -26.76 -7.18
CA ALA A 13 12.68 -25.84 -8.21
C ALA A 13 12.85 -24.41 -7.67
N ALA A 14 14.02 -23.83 -7.90
CA ALA A 14 14.33 -22.49 -7.38
C ALA A 14 15.63 -21.96 -7.96
N LYS A 15 15.68 -20.65 -8.20
CA LYS A 15 16.87 -20.05 -8.81
C LYS A 15 18.15 -20.22 -8.01
N SER A 16 18.03 -20.23 -6.69
CA SER A 16 19.19 -20.41 -5.82
C SER A 16 18.75 -20.83 -4.43
N TYR A 17 19.65 -21.45 -3.69
CA TYR A 17 19.37 -21.83 -2.34
C TYR A 17 20.64 -22.23 -1.64
N VAL A 18 20.56 -22.24 -0.31
CA VAL A 18 21.67 -22.56 0.53
C VAL A 18 21.09 -23.15 1.80
N LEU A 19 21.77 -24.17 2.31
CA LEU A 19 21.41 -24.77 3.59
C LEU A 19 22.66 -24.55 4.41
N MET A 20 22.50 -24.00 5.60
CA MET A 20 23.62 -23.70 6.48
C MET A 20 23.29 -24.20 7.86
N ASP A 21 24.24 -24.89 8.48
CA ASP A 21 24.08 -25.32 9.86
C ASP A 21 24.21 -24.07 10.72
N GLY A 22 23.44 -24.00 11.81
CA GLY A 22 23.46 -22.84 12.70
C GLY A 22 24.67 -22.79 13.63
N GLU A 23 24.91 -23.86 14.38
CA GLU A 23 26.03 -23.89 15.31
C GLU A 23 27.39 -23.67 14.66
N SER A 24 27.66 -24.42 13.59
CA SER A 24 28.94 -24.36 12.90
C SER A 24 29.02 -23.22 11.91
N GLY A 25 27.88 -22.83 11.34
CA GLY A 25 27.86 -21.79 10.33
C GLY A 25 28.38 -22.26 8.99
N GLN A 26 28.59 -23.57 8.84
CA GLN A 26 29.05 -24.09 7.54
C GLN A 26 27.90 -24.22 6.55
N VAL A 27 28.18 -23.91 5.30
CA VAL A 27 27.23 -24.15 4.22
C VAL A 27 27.21 -25.65 3.93
N LEU A 28 26.06 -26.30 4.12
CA LEU A 28 25.93 -27.73 3.85
C LEU A 28 25.53 -28.02 2.42
N VAL A 29 24.66 -27.19 1.86
CA VAL A 29 24.29 -27.29 0.47
C VAL A 29 24.24 -25.92 -0.14
N GLU A 30 24.64 -25.81 -1.39
CA GLU A 30 24.69 -24.50 -2.01
C GLU A 30 24.45 -24.64 -3.49
N ASN A 31 23.46 -23.91 -3.98
CA ASN A 31 23.17 -23.94 -5.39
C ASN A 31 23.00 -22.54 -5.91
N ASN A 32 23.89 -22.15 -6.83
CA ASN A 32 23.83 -20.83 -7.42
C ASN A 32 23.82 -19.82 -6.27
N GLY A 33 24.60 -20.15 -5.25
CA GLY A 33 24.65 -19.41 -3.99
C GLY A 33 25.14 -17.98 -3.99
N ASP A 34 25.95 -17.62 -4.97
CA ASP A 34 26.51 -16.28 -4.98
C ASP A 34 25.89 -15.38 -6.01
N GLN A 35 24.90 -15.91 -6.74
CA GLN A 35 24.25 -15.08 -7.73
C GLN A 35 23.53 -13.89 -7.09
N ARG A 36 23.72 -12.72 -7.70
CA ARG A 36 23.14 -11.51 -7.21
C ARG A 36 21.69 -11.40 -7.68
N LEU A 37 20.76 -11.53 -6.74
CA LEU A 37 19.34 -11.53 -7.08
C LEU A 37 18.60 -10.47 -6.26
N PRO A 38 17.48 -9.98 -6.78
CA PRO A 38 16.71 -8.97 -6.01
C PRO A 38 16.14 -9.61 -4.72
N PRO A 39 16.41 -9.01 -3.55
CA PRO A 39 15.93 -9.60 -2.28
C PRO A 39 14.50 -9.23 -1.85
N ALA A 40 13.95 -8.14 -2.39
CA ALA A 40 12.60 -7.72 -2.03
C ALA A 40 12.55 -7.56 -0.50
N SER A 41 11.49 -8.03 0.15
CA SER A 41 11.43 -7.82 1.60
C SER A 41 12.52 -8.49 2.45
N LEU A 42 13.31 -9.39 1.87
CA LEU A 42 14.43 -9.98 2.60
C LEU A 42 15.41 -8.87 3.01
N THR A 43 15.40 -7.76 2.27
CA THR A 43 16.20 -6.60 2.65
C THR A 43 15.97 -6.23 4.12
N LYS A 44 14.71 -6.35 4.56
CA LYS A 44 14.36 -6.00 5.92
C LYS A 44 15.10 -6.74 7.01
N LEU A 45 15.77 -7.84 6.66
CA LEU A 45 16.57 -8.54 7.67
C LEU A 45 17.76 -7.67 7.99
N MET A 46 18.31 -7.01 6.98
CA MET A 46 19.45 -6.10 7.21
C MET A 46 19.05 -4.86 8.00
N THR A 47 17.90 -4.30 7.68
CA THR A 47 17.39 -3.10 8.36
C THR A 47 17.21 -3.37 9.84
N ALA A 48 16.54 -4.48 10.14
CA ALA A 48 16.26 -4.85 11.55
C ALA A 48 17.53 -5.17 12.32
N TYR A 49 18.43 -5.88 11.67
CA TYR A 49 19.69 -6.26 12.29
C TYR A 49 20.50 -5.04 12.72
N ILE A 50 20.66 -4.09 11.81
CA ILE A 50 21.33 -2.84 12.18
C ILE A 50 20.71 -2.19 13.42
N ALA A 51 19.40 -2.06 13.42
CA ALA A 51 18.69 -1.55 14.57
C ALA A 51 19.07 -2.28 15.84
N THR A 52 19.14 -3.62 15.78
CA THR A 52 19.42 -4.39 16.98
C THR A 52 20.85 -4.15 17.46
N LYS A 53 21.76 -3.97 16.50
CA LYS A 53 23.14 -3.68 16.83
C LYS A 53 23.29 -2.28 17.43
N GLU A 54 22.54 -1.31 16.90
CA GLU A 54 22.56 0.04 17.49
C GLU A 54 22.00 0.02 18.91
N ILE A 55 20.97 -0.79 19.14
CA ILE A 55 20.41 -0.91 20.48
C ILE A 55 21.48 -1.50 21.42
N GLU A 56 22.13 -2.57 20.98
CA GLU A 56 23.18 -3.23 21.78
C GLU A 56 24.33 -2.29 22.11
N ALA A 57 24.70 -1.43 21.16
CA ALA A 57 25.79 -0.51 21.39
C ALA A 57 25.33 0.68 22.26
N GLY A 58 24.06 0.66 22.63
CA GLY A 58 23.49 1.74 23.44
C GLY A 58 23.43 3.08 22.72
N ARG A 59 23.41 3.05 21.39
CA ARG A 59 23.31 4.30 20.62
C ARG A 59 21.87 4.68 20.34
N ILE A 60 20.98 3.70 20.40
CA ILE A 60 19.56 3.99 20.40
C ILE A 60 18.95 3.12 21.48
N GLY A 61 17.81 3.54 22.01
CA GLY A 61 17.11 2.82 23.06
C GLY A 61 15.77 2.31 22.56
N GLU A 62 15.34 1.18 23.10
CA GLU A 62 14.08 0.56 22.69
C GLU A 62 12.84 1.41 22.94
N ASN A 63 12.91 2.34 23.88
CA ASN A 63 11.78 3.20 24.22
C ASN A 63 11.90 4.60 23.63
N ASP A 64 13.02 4.86 22.96
CA ASP A 64 13.18 6.13 22.29
C ASP A 64 12.05 6.38 21.28
N LEU A 65 11.53 7.59 21.31
CA LEU A 65 10.45 7.99 20.42
C LEU A 65 10.98 8.45 19.07
N VAL A 66 10.43 7.89 18.01
CA VAL A 66 10.81 8.21 16.62
C VAL A 66 9.67 9.00 15.98
N THR A 67 9.99 10.15 15.41
CA THR A 67 9.01 10.98 14.73
C THR A 67 8.90 10.50 13.30
N VAL A 68 7.68 10.21 12.86
CA VAL A 68 7.44 9.70 11.49
C VAL A 68 7.43 10.81 10.44
N SER A 69 8.42 10.79 9.54
CA SER A 69 8.50 11.78 8.45
C SER A 69 7.46 11.51 7.37
N GLU A 70 7.23 12.52 6.52
CA GLU A 70 6.38 12.41 5.34
C GLU A 70 6.92 11.30 4.41
N HIS A 71 8.23 11.19 4.33
CA HIS A 71 8.85 10.20 3.41
C HIS A 71 8.52 8.77 3.83
N ALA A 72 8.62 8.50 5.12
CA ALA A 72 8.22 7.21 5.67
C ALA A 72 6.72 6.94 5.46
N TRP A 73 5.90 7.96 5.63
CA TRP A 73 4.44 7.80 5.48
C TRP A 73 4.03 7.62 4.01
N ARG A 74 4.82 8.19 3.10
CA ARG A 74 4.59 8.04 1.66
C ARG A 74 4.93 6.66 1.02
N THR A 75 5.54 5.78 1.78
CA THR A 75 5.84 4.44 1.25
C THR A 75 4.56 3.68 0.83
N GLY A 76 4.74 2.63 0.03
CA GLY A 76 3.63 1.78 -0.36
C GLY A 76 3.85 0.35 0.07
N GLY A 77 3.01 -0.54 -0.42
CA GLY A 77 3.15 -1.96 -0.14
C GLY A 77 2.78 -2.24 1.30
N SER A 78 3.28 -3.36 1.83
CA SER A 78 3.06 -3.78 3.21
C SER A 78 3.54 -2.68 4.18
N ARG A 79 2.72 -2.37 5.17
CA ARG A 79 2.98 -1.25 6.06
C ARG A 79 2.33 -1.45 7.44
N MET A 80 2.87 -0.73 8.41
CA MET A 80 2.42 -0.76 9.79
C MET A 80 1.29 0.24 10.02
N PHE A 81 1.31 1.30 9.22
CA PHE A 81 0.32 2.37 9.27
C PHE A 81 0.54 3.32 10.43
N ILE A 82 1.81 3.64 10.63
CA ILE A 82 2.21 4.68 11.57
C ILE A 82 1.74 5.98 10.96
N LYS A 83 1.31 6.91 11.80
CA LYS A 83 0.72 8.16 11.32
C LYS A 83 1.83 9.17 11.11
N VAL A 84 1.72 9.95 10.04
CA VAL A 84 2.73 10.96 9.78
C VAL A 84 2.80 11.94 10.95
N GLY A 85 4.01 12.24 11.41
CA GLY A 85 4.20 13.24 12.45
C GLY A 85 3.97 12.72 13.85
N SER A 86 3.49 11.48 13.98
CA SER A 86 3.32 10.91 15.29
C SER A 86 4.68 10.46 15.80
N GLN A 87 4.73 10.08 17.06
CA GLN A 87 5.95 9.56 17.68
C GLN A 87 5.70 8.08 17.93
N VAL A 88 6.65 7.24 17.53
CA VAL A 88 6.52 5.81 17.72
C VAL A 88 7.84 5.32 18.27
N SER A 89 7.77 4.39 19.20
CA SER A 89 8.97 3.91 19.84
C SER A 89 9.76 3.01 18.90
N VAL A 90 11.06 2.93 19.14
CA VAL A 90 11.93 2.03 18.40
C VAL A 90 11.39 0.60 18.47
N SER A 91 11.03 0.16 19.68
CA SER A 91 10.49 -1.20 19.85
C SER A 91 9.28 -1.47 18.94
N ASP A 92 8.27 -0.59 18.96
CA ASP A 92 7.11 -0.80 18.08
C ASP A 92 7.53 -0.82 16.57
N LEU A 93 8.35 0.11 16.14
CA LEU A 93 8.75 0.07 14.72
C LEU A 93 9.43 -1.23 14.35
N LEU A 94 10.31 -1.70 15.23
CA LEU A 94 11.03 -2.92 14.99
C LEU A 94 10.06 -4.10 14.86
N HIS A 95 8.94 -4.07 15.58
CA HIS A 95 7.98 -5.16 15.44
C HIS A 95 7.27 -5.01 14.11
N GLY A 96 7.06 -3.76 13.71
CA GLY A 96 6.44 -3.53 12.41
C GLY A 96 7.31 -4.02 11.26
N ILE A 97 8.61 -3.80 11.35
CA ILE A 97 9.52 -4.24 10.29
C ILE A 97 9.58 -5.78 10.30
N ILE A 98 9.87 -6.34 11.46
CA ILE A 98 10.07 -7.76 11.55
C ILE A 98 8.83 -8.60 11.26
N ILE A 99 7.72 -8.29 11.93
CA ILE A 99 6.52 -9.12 11.77
C ILE A 99 5.72 -8.81 10.50
N GLN A 100 5.54 -7.53 10.23
CA GLN A 100 4.67 -7.11 9.16
C GLN A 100 5.44 -6.71 7.88
N SER A 101 6.77 -6.70 7.94
CA SER A 101 7.60 -6.18 6.83
C SER A 101 7.09 -4.79 6.42
N GLY A 102 6.91 -3.95 7.43
CA GLY A 102 6.33 -2.63 7.23
C GLY A 102 7.33 -1.70 6.56
N ASN A 103 7.01 -1.26 5.35
CA ASN A 103 7.88 -0.31 4.61
C ASN A 103 8.00 1.04 5.27
N ASP A 104 6.90 1.51 5.85
CA ASP A 104 6.88 2.78 6.57
C ASP A 104 7.82 2.75 7.78
N ALA A 105 7.64 1.71 8.57
CA ALA A 105 8.45 1.49 9.77
C ALA A 105 9.92 1.32 9.43
N SER A 106 10.19 0.59 8.35
CA SER A 106 11.57 0.45 7.90
C SER A 106 12.17 1.79 7.62
N VAL A 107 11.46 2.62 6.88
CA VAL A 107 12.01 3.92 6.55
C VAL A 107 12.16 4.80 7.78
N ALA A 108 11.18 4.76 8.68
CA ALA A 108 11.23 5.66 9.80
C ALA A 108 12.38 5.32 10.72
N LEU A 109 12.59 4.04 10.94
CA LEU A 109 13.68 3.61 11.84
C LEU A 109 15.04 3.86 11.17
N ALA A 110 15.12 3.65 9.87
CA ALA A 110 16.38 3.97 9.16
C ALA A 110 16.71 5.46 9.35
N GLU A 111 15.73 6.33 9.14
CA GLU A 111 15.99 7.78 9.29
C GLU A 111 16.31 8.14 10.73
N HIS A 112 15.71 7.43 11.66
CA HIS A 112 16.01 7.73 13.05
C HIS A 112 17.47 7.38 13.36
N ILE A 113 17.93 6.28 12.80
CA ILE A 113 19.26 5.79 13.06
C ILE A 113 20.37 6.58 12.35
N ALA A 114 20.14 6.91 11.08
CA ALA A 114 21.19 7.55 10.26
C ALA A 114 20.84 8.94 9.72
N GLY A 115 19.65 9.46 10.05
CA GLY A 115 19.26 10.78 9.56
C GLY A 115 18.48 10.72 8.27
N SER A 116 18.91 9.85 7.34
CA SER A 116 18.25 9.69 6.03
C SER A 116 18.41 8.26 5.60
N GLU A 117 17.56 7.87 4.66
CA GLU A 117 17.58 6.51 4.16
C GLU A 117 18.84 6.25 3.31
N ASP A 118 19.36 7.28 2.64
N ASP A 118 19.35 7.28 2.65
CA ASP A 118 20.59 7.08 1.86
CA ASP A 118 20.59 7.13 1.87
C ASP A 118 21.80 6.82 2.75
C ASP A 118 21.78 6.83 2.75
N ALA A 119 21.88 7.52 3.89
CA ALA A 119 22.98 7.27 4.81
C ALA A 119 22.78 5.90 5.53
N PHE A 120 21.52 5.49 5.70
CA PHE A 120 21.28 4.18 6.31
C PHE A 120 21.79 3.09 5.37
N ALA A 121 21.47 3.21 4.09
CA ALA A 121 21.95 2.26 3.07
C ALA A 121 23.47 2.13 3.13
N ASP A 122 24.16 3.22 3.43
CA ASP A 122 25.61 3.20 3.64
C ASP A 122 25.97 2.32 4.81
N MET A 123 25.23 2.45 5.89
CA MET A 123 25.46 1.61 7.06
C MET A 123 25.15 0.17 6.70
N MET A 124 24.18 -0.03 5.81
CA MET A 124 23.82 -1.39 5.39
C MET A 124 24.99 -2.04 4.63
N ASN A 125 25.64 -1.25 3.79
CA ASN A 125 26.80 -1.72 3.02
C ASN A 125 28.03 -1.90 3.88
N THR A 126 28.29 -0.94 4.76
CA THR A 126 29.38 -1.09 5.71
C THR A 126 29.17 -2.34 6.57
N THR A 127 27.92 -2.56 6.99
CA THR A 127 27.59 -3.72 7.80
C THR A 127 27.73 -5.00 6.98
N ALA A 128 27.36 -4.95 5.71
CA ALA A 128 27.54 -6.06 4.80
C ALA A 128 29.02 -6.48 4.84
N GLN A 129 29.90 -5.55 4.48
CA GLN A 129 31.35 -5.76 4.62
C GLN A 129 31.76 -6.36 5.95
N LYS A 130 31.29 -5.76 7.05
CA LYS A 130 31.62 -6.27 8.39
C LYS A 130 31.17 -7.71 8.62
N LEU A 131 30.13 -8.13 7.91
CA LEU A 131 29.62 -9.49 8.07
C LEU A 131 30.38 -10.43 7.15
N GLY A 132 31.04 -9.86 6.13
CA GLY A 132 31.73 -10.64 5.12
C GLY A 132 30.80 -11.06 4.01
N LEU A 133 29.82 -10.22 3.69
CA LEU A 133 28.91 -10.53 2.61
C LEU A 133 29.66 -10.27 1.32
N THR A 134 29.51 -11.16 0.35
CA THR A 134 30.34 -11.06 -0.84
C THR A 134 29.56 -10.56 -2.01
N ASN A 135 28.27 -10.88 -2.04
CA ASN A 135 27.42 -10.46 -3.14
C ASN A 135 26.13 -9.74 -2.75
N SER A 136 26.26 -8.76 -1.85
CA SER A 136 25.14 -7.94 -1.40
C SER A 136 25.45 -6.46 -1.52
N HIS A 137 24.48 -5.67 -1.96
CA HIS A 137 24.59 -4.21 -1.98
C HIS A 137 23.21 -3.59 -1.83
N PHE A 138 23.08 -2.58 -1.00
CA PHE A 138 21.77 -2.02 -0.69
C PHE A 138 21.60 -0.57 -1.09
N MET A 139 20.47 -0.25 -1.74
CA MET A 139 20.15 1.12 -2.17
C MET A 139 19.09 1.82 -1.27
N ASP A 140 18.33 1.04 -0.50
CA ASP A 140 17.37 1.61 0.46
C ASP A 140 17.05 0.59 1.55
N ALA A 141 16.22 0.97 2.52
CA ALA A 141 15.96 0.12 3.67
C ALA A 141 14.82 -0.87 3.49
N THR A 142 14.10 -0.80 2.36
CA THR A 142 12.92 -1.63 2.13
C THR A 142 13.08 -2.74 1.09
N GLY A 143 13.91 -2.52 0.08
CA GLY A 143 14.11 -3.51 -0.96
C GLY A 143 13.41 -3.15 -2.26
N LEU A 144 13.19 -1.86 -2.49
CA LEU A 144 12.59 -1.41 -3.71
C LEU A 144 13.49 -1.93 -4.84
N PRO A 145 12.88 -2.36 -5.94
CA PRO A 145 13.63 -2.96 -7.05
C PRO A 145 14.61 -1.94 -7.65
N ASN A 146 15.89 -2.29 -7.65
CA ASN A 146 16.92 -1.46 -8.23
C ASN A 146 18.07 -2.33 -8.72
N PRO A 147 18.70 -1.97 -9.87
CA PRO A 147 19.89 -2.64 -10.39
C PRO A 147 21.00 -2.84 -9.36
N ASP A 148 21.30 -1.82 -8.56
CA ASP A 148 22.32 -1.94 -7.49
C ASP A 148 21.81 -2.45 -6.14
N HIS A 149 20.61 -3.01 -6.09
CA HIS A 149 20.09 -3.51 -4.82
C HIS A 149 19.90 -5.02 -4.94
N TYR A 150 20.81 -5.78 -4.34
CA TYR A 150 20.83 -7.21 -4.55
C TYR A 150 21.46 -7.95 -3.40
N SER A 151 21.20 -9.24 -3.32
CA SER A 151 21.85 -10.07 -2.31
C SER A 151 21.96 -11.43 -2.94
N SER A 152 22.39 -12.41 -2.15
CA SER A 152 22.50 -13.78 -2.66
C SER A 152 21.99 -14.71 -1.59
N ALA A 153 21.78 -15.97 -1.94
CA ALA A 153 21.33 -16.95 -0.95
C ALA A 153 22.36 -17.15 0.17
N ARG A 154 23.64 -17.16 -0.18
CA ARG A 154 24.67 -17.37 0.84
C ARG A 154 24.78 -16.15 1.74
N ASP A 155 24.78 -14.96 1.13
CA ASP A 155 24.87 -13.73 1.93
C ASP A 155 23.73 -13.70 2.96
N MET A 156 22.52 -14.05 2.51
CA MET A 156 21.34 -14.07 3.39
C MET A 156 21.41 -15.10 4.51
N ALA A 157 22.06 -16.23 4.28
CA ALA A 157 22.25 -17.19 5.36
C ALA A 157 23.26 -16.64 6.37
N VAL A 158 24.28 -15.94 5.89
CA VAL A 158 25.28 -15.34 6.79
C VAL A 158 24.57 -14.28 7.64
N LEU A 159 23.78 -13.43 6.98
CA LEU A 159 23.01 -12.41 7.70
C LEU A 159 22.04 -13.05 8.69
N ALA A 160 21.28 -14.04 8.25
CA ALA A 160 20.34 -14.72 9.13
C ALA A 160 21.02 -15.28 10.38
N ARG A 161 22.17 -15.92 10.19
CA ARG A 161 22.87 -16.51 11.35
C ARG A 161 23.25 -15.42 12.35
N ALA A 162 23.73 -14.28 11.84
CA ALA A 162 24.09 -13.21 12.76
C ALA A 162 22.87 -12.74 13.56
N ILE A 163 21.70 -12.74 12.91
CA ILE A 163 20.43 -12.33 13.56
C ILE A 163 19.97 -13.38 14.58
N ILE A 164 19.97 -14.63 14.15
CA ILE A 164 19.52 -15.73 15.04
C ILE A 164 20.29 -15.76 16.34
N TYR A 165 21.59 -15.54 16.28
CA TYR A 165 22.40 -15.59 17.50
C TYR A 165 22.60 -14.25 18.21
N GLY A 166 21.72 -13.29 17.94
CA GLY A 166 21.76 -12.01 18.66
C GLY A 166 20.96 -12.16 19.94
N GLU A 167 20.47 -11.06 20.48
CA GLU A 167 19.68 -11.06 21.70
C GLU A 167 18.42 -11.92 21.53
N PRO A 168 18.20 -12.85 22.45
CA PRO A 168 17.02 -13.70 22.33
C PRO A 168 15.69 -12.94 22.30
N SER A 169 15.58 -11.86 23.08
CA SER A 169 14.34 -11.07 23.11
C SER A 169 14.12 -10.37 21.76
N HIS A 170 15.21 -10.08 21.06
CA HIS A 170 15.15 -9.53 19.70
C HIS A 170 14.81 -10.60 18.66
N TYR A 171 15.48 -11.75 18.72
CA TYR A 171 15.19 -12.77 17.74
C TYR A 171 13.79 -13.33 17.92
N ALA A 172 13.31 -13.39 19.16
CA ALA A 172 11.97 -13.91 19.42
C ALA A 172 10.89 -13.16 18.64
N ILE A 173 11.18 -11.93 18.24
CA ILE A 173 10.20 -11.14 17.51
C ILE A 173 9.82 -11.84 16.20
N TYR A 174 10.78 -12.53 15.61
CA TYR A 174 10.52 -13.21 14.33
C TYR A 174 9.42 -14.26 14.40
N ALA A 175 9.27 -14.88 15.56
CA ALA A 175 8.24 -15.90 15.75
C ALA A 175 6.89 -15.39 16.24
N GLN A 176 6.78 -14.09 16.48
N GLN A 176 6.78 -14.09 16.48
CA GLN A 176 5.52 -13.53 16.93
CA GLN A 176 5.53 -13.53 16.95
C GLN A 176 4.56 -13.62 15.75
C GLN A 176 4.52 -13.51 15.80
N LYS A 177 3.34 -14.08 16.03
CA LYS A 177 2.38 -14.32 14.98
C LYS A 177 1.59 -13.17 14.44
N GLU A 178 1.47 -12.10 15.22
CA GLU A 178 0.80 -10.92 14.76
C GLU A 178 1.22 -9.67 15.50
N PHE A 179 0.82 -8.54 14.93
CA PHE A 179 1.16 -7.24 15.50
C PHE A 179 0.08 -6.25 15.13
N LEU A 180 -0.37 -5.53 16.14
CA LEU A 180 -1.43 -4.57 16.04
C LEU A 180 -0.83 -3.17 16.04
N TRP A 181 -1.27 -2.32 15.11
CA TRP A 181 -0.92 -0.90 15.18
C TRP A 181 -2.00 -0.06 14.53
N ASN A 182 -2.35 1.04 15.18
CA ASN A 182 -3.27 2.01 14.61
C ASN A 182 -4.53 1.32 14.10
N ASN A 183 -5.14 0.50 14.97
CA ASN A 183 -6.40 -0.15 14.66
C ASN A 183 -6.39 -1.19 13.55
N ILE A 184 -5.19 -1.59 13.12
CA ILE A 184 -5.01 -2.65 12.13
C ILE A 184 -4.10 -3.72 12.68
N LYS A 185 -4.66 -4.92 12.84
CA LYS A 185 -3.92 -6.07 13.35
C LYS A 185 -3.59 -6.89 12.12
N GLN A 186 -2.32 -7.27 11.97
CA GLN A 186 -1.83 -8.03 10.81
C GLN A 186 -0.97 -9.22 11.24
N PRO A 187 -1.05 -10.31 10.48
CA PRO A 187 -0.28 -11.50 10.81
C PRO A 187 1.15 -11.35 10.39
N ASN A 188 2.02 -12.14 11.01
CA ASN A 188 3.41 -12.25 10.62
C ASN A 188 3.32 -12.81 9.21
N ARG A 189 4.12 -12.26 8.29
CA ARG A 189 3.99 -12.62 6.89
C ARG A 189 4.56 -14.02 6.61
N ASN A 190 5.38 -14.53 7.51
CA ASN A 190 6.01 -15.86 7.37
C ASN A 190 5.04 -17.02 7.71
N LEU A 191 4.29 -17.48 6.71
CA LEU A 191 3.34 -18.58 6.90
C LEU A 191 3.86 -19.87 7.54
N LEU A 192 5.11 -20.24 7.26
CA LEU A 192 5.68 -21.44 7.87
C LEU A 192 5.54 -21.47 9.37
N LEU A 193 5.46 -20.30 9.98
CA LEU A 193 5.34 -20.24 11.42
C LEU A 193 4.17 -21.06 11.89
N TRP A 194 3.03 -20.91 11.20
CA TRP A 194 1.81 -21.61 11.56
C TRP A 194 1.87 -23.06 11.13
N ARG A 195 2.67 -23.34 10.10
CA ARG A 195 2.71 -24.69 9.51
C ARG A 195 3.65 -25.67 10.20
N ASP A 196 4.76 -25.16 10.74
CA ASP A 196 5.80 -26.03 11.31
C ASP A 196 6.35 -25.43 12.61
N LYS A 197 6.06 -26.13 13.71
CA LYS A 197 6.37 -25.65 15.06
C LYS A 197 7.85 -25.56 15.36
N THR A 198 8.70 -26.15 14.52
CA THR A 198 10.12 -26.11 14.78
C THR A 198 10.71 -24.88 14.08
N VAL A 199 9.94 -24.23 13.21
CA VAL A 199 10.41 -23.01 12.53
C VAL A 199 10.19 -21.76 13.42
N ASP A 200 11.23 -20.95 13.61
CA ASP A 200 11.14 -19.77 14.43
C ASP A 200 11.49 -18.46 13.70
N GLY A 201 11.69 -18.52 12.38
CA GLY A 201 12.03 -17.35 11.56
C GLY A 201 12.20 -17.77 10.11
N LEU A 202 12.49 -16.84 9.20
CA LEU A 202 12.65 -15.43 9.51
C LEU A 202 11.85 -14.48 8.63
N LYS A 203 12.04 -14.60 7.31
CA LYS A 203 11.50 -13.60 6.42
C LYS A 203 11.17 -14.11 5.04
N THR A 204 10.10 -13.57 4.44
CA THR A 204 9.77 -13.90 3.05
C THR A 204 10.00 -12.66 2.17
N GLY A 205 10.20 -12.88 0.87
CA GLY A 205 10.26 -11.80 -0.08
C GLY A 205 9.57 -12.25 -1.35
N HIS A 206 9.01 -11.31 -2.08
CA HIS A 206 8.41 -11.65 -3.36
C HIS A 206 8.15 -10.51 -4.30
N THR A 207 8.56 -10.73 -5.56
CA THR A 207 8.14 -9.91 -6.68
C THR A 207 7.98 -10.81 -7.91
N ASP A 208 7.42 -10.24 -8.97
CA ASP A 208 7.31 -10.95 -10.23
C ASP A 208 8.70 -11.29 -10.76
N GLU A 209 9.66 -10.38 -10.52
CA GLU A 209 11.02 -10.55 -11.00
C GLU A 209 11.86 -11.52 -10.17
N ALA A 210 11.64 -11.54 -8.86
CA ALA A 210 12.47 -12.37 -7.98
C ALA A 210 11.82 -13.69 -7.60
N GLY A 211 10.54 -13.87 -7.94
CA GLY A 211 9.77 -15.02 -7.49
C GLY A 211 9.57 -15.01 -5.97
N TYR A 212 9.18 -16.15 -5.40
CA TYR A 212 8.89 -16.28 -3.99
C TYR A 212 10.13 -16.75 -3.22
N CYS A 213 10.61 -15.90 -2.32
CA CYS A 213 11.83 -16.14 -1.58
C CYS A 213 11.59 -16.27 -0.07
N LEU A 214 12.52 -16.94 0.61
CA LEU A 214 12.37 -17.22 2.02
C LEU A 214 13.71 -17.49 2.70
N VAL A 215 13.86 -16.90 3.88
CA VAL A 215 14.96 -17.18 4.74
C VAL A 215 14.30 -17.79 5.96
N ALA A 216 14.51 -19.09 6.16
CA ALA A 216 13.87 -19.83 7.25
C ALA A 216 14.92 -20.49 8.13
N SER A 217 14.60 -20.63 9.40
CA SER A 217 15.45 -21.38 10.30
C SER A 217 14.57 -22.21 11.21
N ALA A 218 15.01 -23.44 11.44
CA ALA A 218 14.29 -24.37 12.30
C ALA A 218 15.25 -25.08 13.25
N VAL A 219 14.73 -25.58 14.37
CA VAL A 219 15.55 -26.32 15.32
C VAL A 219 14.86 -27.66 15.60
N ARG A 220 15.59 -28.76 15.40
CA ARG A 220 15.04 -30.11 15.63
C ARG A 220 16.12 -30.96 16.29
N ASP A 221 15.77 -31.57 17.41
CA ASP A 221 16.70 -32.46 18.12
C ASP A 221 18.08 -31.82 18.29
N GLY A 222 18.12 -30.64 18.93
CA GLY A 222 19.38 -29.98 19.24
C GLY A 222 20.18 -29.40 18.08
N GLN A 223 19.62 -29.42 16.88
CA GLN A 223 20.31 -28.84 15.74
C GLN A 223 19.55 -27.65 15.17
N ARG A 224 20.27 -26.70 14.60
CA ARG A 224 19.64 -25.61 13.91
C ARG A 224 20.05 -25.60 12.46
N MET A 225 19.07 -25.56 11.57
CA MET A 225 19.38 -25.42 10.17
C MET A 225 18.84 -24.08 9.69
N ILE A 226 19.51 -23.52 8.71
CA ILE A 226 19.12 -22.27 8.12
C ILE A 226 18.97 -22.56 6.64
N ALA A 227 17.77 -22.33 6.10
CA ALA A 227 17.52 -22.58 4.68
C ALA A 227 17.14 -21.27 4.00
N VAL A 228 17.81 -20.99 2.89
CA VAL A 228 17.51 -19.82 2.11
C VAL A 228 17.17 -20.27 0.69
N VAL A 229 16.02 -19.84 0.20
CA VAL A 229 15.61 -20.15 -1.17
C VAL A 229 15.17 -18.88 -1.90
N PHE A 230 15.71 -18.66 -3.10
CA PHE A 230 15.28 -17.55 -3.93
C PHE A 230 14.55 -18.09 -5.16
N GLY A 231 13.56 -17.34 -5.63
CA GLY A 231 12.87 -17.63 -6.87
C GLY A 231 12.08 -18.91 -7.04
N THR A 232 11.27 -19.30 -6.06
CA THR A 232 10.36 -20.42 -6.27
C THR A 232 9.10 -19.92 -7.00
N ASN A 233 8.32 -20.86 -7.53
CA ASN A 233 7.13 -20.56 -8.34
C ASN A 233 5.87 -20.13 -7.61
N SER A 234 5.79 -20.37 -6.30
CA SER A 234 4.57 -20.06 -5.56
C SER A 234 4.79 -20.27 -4.07
N GLU A 235 3.85 -19.82 -3.27
CA GLU A 235 3.99 -19.96 -1.83
C GLU A 235 4.08 -21.42 -1.40
N GLN A 236 3.35 -22.27 -2.10
CA GLN A 236 3.29 -23.69 -1.79
C GLN A 236 4.61 -24.38 -2.09
N ALA A 237 5.21 -24.03 -3.21
CA ALA A 237 6.50 -24.59 -3.61
C ALA A 237 7.60 -24.07 -2.70
N ARG A 238 7.50 -22.79 -2.38
CA ARG A 238 8.47 -22.17 -1.48
C ARG A 238 8.56 -22.95 -0.18
N ALA A 239 7.42 -23.21 0.43
CA ALA A 239 7.40 -23.94 1.68
C ALA A 239 7.87 -25.38 1.42
N ALA A 240 7.33 -26.02 0.39
CA ALA A 240 7.65 -27.43 0.11
C ALA A 240 9.13 -27.61 -0.17
N GLU A 241 9.72 -26.72 -0.96
CA GLU A 241 11.13 -26.84 -1.32
C GLU A 241 12.03 -26.55 -0.11
N THR A 242 11.56 -25.68 0.79
CA THR A 242 12.33 -25.33 1.97
C THR A 242 12.32 -26.51 2.93
N GLN A 243 11.17 -27.15 3.10
CA GLN A 243 11.09 -28.31 3.96
C GLN A 243 12.02 -29.44 3.48
N LYS A 244 12.08 -29.66 2.17
CA LYS A 244 12.98 -30.69 1.63
C LYS A 244 14.42 -30.34 2.04
N LEU A 245 14.82 -29.09 1.82
CA LEU A 245 16.16 -28.65 2.16
C LEU A 245 16.48 -28.83 3.63
N LEU A 246 15.53 -28.46 4.49
CA LEU A 246 15.69 -28.60 5.93
C LEU A 246 15.86 -30.06 6.33
N THR A 247 14.91 -30.90 5.92
CA THR A 247 14.97 -32.33 6.22
C THR A 247 16.32 -32.89 5.83
N TYR A 248 16.78 -32.57 4.62
CA TYR A 248 18.06 -33.08 4.15
C TYR A 248 19.19 -32.77 5.13
N GLY A 249 19.22 -31.54 5.63
CA GLY A 249 20.20 -31.14 6.66
C GLY A 249 20.05 -31.91 7.97
N PHE A 250 18.84 -31.95 8.53
CA PHE A 250 18.60 -32.68 9.77
C PHE A 250 18.88 -34.20 9.67
N ARG A 251 18.35 -34.85 8.66
CA ARG A 251 18.50 -36.30 8.53
C ARG A 251 19.93 -36.78 8.25
N PHE A 252 20.70 -36.02 7.48
CA PHE A 252 22.00 -36.51 7.01
C PHE A 252 23.27 -35.86 7.56
N PHE A 253 23.14 -34.95 8.52
CA PHE A 253 24.32 -34.30 9.05
C PHE A 253 24.32 -34.35 10.55
N GLU A 254 25.51 -34.53 11.11
CA GLU A 254 25.65 -34.57 12.55
C GLU A 254 26.56 -33.43 13.01
N SER A 255 26.34 -32.96 14.24
CA SER A 255 27.11 -31.86 14.78
C SER A 255 27.86 -32.24 16.05
N ARG A 256 29.15 -31.93 16.08
CA ARG A 256 29.97 -32.21 17.25
C ARG A 256 30.73 -30.97 17.68
N ASN A 257 30.69 -30.71 18.98
CA ASN A 257 31.42 -29.59 19.56
C ASN A 257 32.84 -30.04 19.85
N PHE A 258 33.82 -29.32 19.29
CA PHE A 258 35.22 -29.63 19.56
C PHE A 258 35.83 -28.80 20.69
N TYR A 259 35.95 -27.49 20.49
CA TYR A 259 36.45 -26.62 21.57
C TYR A 259 35.49 -25.49 21.90
N LYS A 260 35.33 -25.21 23.20
CA LYS A 260 34.55 -24.03 23.64
C LYS A 260 35.46 -22.80 23.64
N LYS A 261 34.89 -21.64 23.30
CA LYS A 261 35.67 -20.39 23.23
C LYS A 261 36.38 -20.02 24.52
N GLY A 262 37.62 -19.56 24.38
CA GLY A 262 38.42 -19.19 25.54
C GLY A 262 39.58 -20.12 25.81
N THR A 263 39.29 -21.33 26.28
CA THR A 263 40.31 -22.31 26.62
C THR A 263 41.54 -22.17 25.73
N GLU A 264 42.72 -22.29 26.32
CA GLU A 264 43.97 -22.19 25.59
C GLU A 264 44.21 -23.45 24.76
N LEU A 265 44.68 -23.25 23.54
CA LEU A 265 45.02 -24.36 22.65
C LEU A 265 46.53 -24.51 22.54
N THR A 266 47.23 -23.38 22.64
CA THR A 266 48.69 -23.38 22.50
C THR A 266 49.26 -21.98 22.81
N LYS A 267 50.59 -21.92 22.93
CA LYS A 267 51.29 -20.67 23.25
C LYS A 267 51.83 -19.99 21.97
N GLY A 268 52.44 -18.81 22.14
CA GLY A 268 53.00 -18.06 21.02
C GLY A 268 54.11 -17.08 21.42
N LEU A 269 55.08 -16.90 20.53
CA LEU A 269 56.20 -16.00 20.80
C LEU A 269 55.88 -14.54 20.51
N VAL A 270 56.11 -13.67 21.49
CA VAL A 270 55.84 -12.25 21.36
C VAL A 270 57.13 -11.44 21.51
N TRP A 271 57.39 -10.56 20.55
CA TRP A 271 58.61 -9.75 20.55
C TRP A 271 58.40 -8.37 21.17
N LYS A 272 59.12 -8.09 22.25
CA LYS A 272 59.07 -6.80 22.94
C LYS A 272 58.07 -6.72 24.08
N GLY A 273 57.42 -7.84 24.40
CA GLY A 273 56.41 -7.86 25.45
C GLY A 273 56.98 -8.15 26.83
N SER A 274 56.31 -7.65 27.85
CA SER A 274 56.71 -7.88 29.24
C SER A 274 56.58 -9.37 29.58
N GLU A 275 55.50 -9.98 29.09
CA GLU A 275 55.35 -11.43 29.17
C GLU A 275 56.09 -11.96 27.95
N HIS A 276 56.66 -13.15 28.05
CA HIS A 276 57.40 -13.72 26.94
C HIS A 276 56.51 -14.39 25.89
N GLU A 277 55.31 -14.78 26.31
CA GLU A 277 54.37 -15.46 25.42
C GLU A 277 52.92 -15.22 25.83
N VAL A 278 51.99 -15.52 24.91
CA VAL A 278 50.55 -15.34 25.16
C VAL A 278 49.78 -16.65 25.02
N LYS A 279 48.63 -16.72 25.68
CA LYS A 279 47.75 -17.87 25.54
C LYS A 279 46.75 -17.62 24.42
N ALA A 280 46.82 -18.43 23.37
CA ALA A 280 45.92 -18.30 22.23
C ALA A 280 44.65 -19.12 22.46
N GLY A 281 43.58 -18.71 21.79
CA GLY A 281 42.30 -19.39 21.90
C GLY A 281 41.34 -18.93 20.83
N LEU A 282 40.09 -19.37 20.93
CA LEU A 282 39.08 -19.00 19.95
C LEU A 282 38.04 -18.08 20.53
N ALA A 283 37.62 -17.13 19.70
CA ALA A 283 36.61 -16.13 20.06
C ALA A 283 35.31 -16.76 20.55
N GLU A 284 34.90 -17.85 19.91
CA GLU A 284 33.67 -18.56 20.29
C GLU A 284 33.65 -20.01 19.82
N ASP A 285 32.93 -20.84 20.58
CA ASP A 285 32.83 -22.27 20.30
C ASP A 285 33.18 -22.66 18.87
N LEU A 286 33.93 -23.74 18.72
CA LEU A 286 34.18 -24.32 17.41
C LEU A 286 33.49 -25.68 17.32
N THR A 287 32.54 -25.76 16.39
CA THR A 287 31.73 -26.95 16.21
C THR A 287 31.69 -27.33 14.74
N MET A 288 31.74 -28.63 14.47
CA MET A 288 31.72 -29.09 13.10
C MET A 288 30.40 -29.81 12.83
N THR A 289 29.91 -29.63 11.62
CA THR A 289 28.68 -30.30 11.21
C THR A 289 28.98 -30.95 9.90
N LEU A 290 28.87 -32.28 9.87
CA LEU A 290 29.24 -33.03 8.69
C LEU A 290 28.37 -34.26 8.43
N PRO A 291 28.34 -34.71 7.17
CA PRO A 291 27.64 -35.94 6.84
C PRO A 291 28.07 -37.06 7.78
N ARG A 292 27.11 -37.89 8.16
CA ARG A 292 27.33 -39.03 9.05
C ARG A 292 28.61 -39.77 8.66
N GLY A 293 29.35 -40.22 9.67
CA GLY A 293 30.57 -40.98 9.47
C GLY A 293 31.80 -40.20 9.09
N GLN A 294 31.66 -38.89 8.92
CA GLN A 294 32.82 -38.08 8.56
C GLN A 294 33.64 -37.51 9.73
N MET A 295 33.01 -37.30 10.88
CA MET A 295 33.71 -36.77 12.06
C MET A 295 35.06 -37.45 12.23
N GLN A 296 35.05 -38.76 12.07
CA GLN A 296 36.20 -39.63 12.24
C GLN A 296 37.43 -39.29 11.38
N LYS A 297 37.22 -38.61 10.26
CA LYS A 297 38.31 -38.30 9.32
C LYS A 297 39.01 -36.94 9.57
N LEU A 298 38.58 -36.23 10.61
CA LEU A 298 39.08 -34.86 10.88
C LEU A 298 40.33 -34.75 11.77
N GLN A 299 41.21 -33.81 11.41
CA GLN A 299 42.42 -33.49 12.18
C GLN A 299 42.63 -31.97 12.20
N ALA A 300 43.26 -31.46 13.26
CA ALA A 300 43.40 -30.01 13.42
C ALA A 300 44.83 -29.48 13.53
N SER A 301 45.11 -28.42 12.79
CA SER A 301 46.40 -27.72 12.83
C SER A 301 46.20 -26.32 13.42
N MET A 302 46.97 -25.98 14.45
CA MET A 302 46.89 -24.66 15.08
C MET A 302 48.20 -23.89 14.94
N VAL A 303 48.38 -23.24 13.79
CA VAL A 303 49.62 -22.51 13.48
C VAL A 303 49.58 -20.99 13.74
N LEU A 304 50.50 -20.54 14.59
CA LEU A 304 50.60 -19.12 14.97
C LEU A 304 51.36 -18.29 13.93
N GLU A 305 51.55 -17.01 14.23
CA GLU A 305 52.32 -16.11 13.38
C GLU A 305 53.78 -16.04 13.85
N PRO A 306 54.72 -16.27 12.92
CA PRO A 306 56.16 -16.23 13.20
C PRO A 306 56.63 -14.94 13.88
N GLN A 307 56.58 -13.82 13.16
CA GLN A 307 57.07 -12.54 13.68
C GLN A 307 55.99 -11.63 14.26
N LEU A 308 55.17 -12.17 15.17
CA LEU A 308 54.16 -11.34 15.80
C LEU A 308 54.82 -10.51 16.91
N MET A 309 54.68 -9.19 16.81
CA MET A 309 55.40 -8.28 17.69
C MET A 309 54.46 -7.35 18.47
N ALA A 310 54.71 -7.22 19.76
CA ALA A 310 53.89 -6.40 20.66
C ALA A 310 53.82 -4.94 20.21
N PRO A 311 52.87 -4.17 20.78
CA PRO A 311 51.92 -4.61 21.81
C PRO A 311 50.85 -5.55 21.26
N ILE A 312 50.26 -6.36 22.13
CA ILE A 312 49.22 -7.28 21.71
C ILE A 312 47.94 -7.05 22.53
N GLN A 313 46.85 -6.76 21.83
CA GLN A 313 45.55 -6.53 22.47
C GLN A 313 44.73 -7.80 22.58
N GLN A 314 43.95 -7.91 23.64
CA GLN A 314 43.07 -9.06 23.84
C GLN A 314 42.08 -9.12 22.68
N GLY A 315 42.05 -10.25 21.97
CA GLY A 315 41.17 -10.43 20.83
C GLY A 315 41.84 -10.06 19.52
N GLN A 316 43.12 -9.74 19.59
CA GLN A 316 43.91 -9.38 18.41
C GLN A 316 44.20 -10.60 17.54
N VAL A 317 44.21 -10.40 16.23
CA VAL A 317 44.48 -11.48 15.29
C VAL A 317 45.92 -11.95 15.31
N ILE A 318 46.14 -13.13 15.87
CA ILE A 318 47.49 -13.70 15.96
C ILE A 318 47.74 -14.81 14.93
N GLY A 319 47.11 -15.97 15.13
CA GLY A 319 47.26 -17.10 14.20
C GLY A 319 45.92 -17.66 13.73
N LYS A 320 45.97 -18.82 13.09
CA LYS A 320 44.75 -19.47 12.58
C LYS A 320 44.73 -20.99 12.76
N VAL A 321 43.65 -21.49 13.34
CA VAL A 321 43.45 -22.93 13.49
C VAL A 321 42.79 -23.49 12.22
N GLU A 322 43.31 -24.60 11.72
CA GLU A 322 42.81 -25.20 10.49
C GLU A 322 42.48 -26.68 10.67
N VAL A 323 41.29 -27.08 10.22
CA VAL A 323 40.87 -28.49 10.29
C VAL A 323 40.90 -29.15 8.91
N LYS A 324 41.70 -30.21 8.81
CA LYS A 324 41.86 -30.95 7.55
C LYS A 324 40.97 -32.18 7.52
N LEU A 325 40.31 -32.40 6.39
CA LEU A 325 39.53 -33.60 6.17
C LEU A 325 40.35 -34.42 5.17
N ASP A 326 41.08 -35.40 5.67
CA ASP A 326 42.00 -36.20 4.85
C ASP A 326 42.93 -35.30 4.03
N ASP A 327 43.85 -34.64 4.73
CA ASP A 327 44.80 -33.71 4.11
C ASP A 327 44.17 -32.69 3.16
N LYS A 328 42.96 -32.26 3.50
CA LYS A 328 42.25 -31.23 2.74
C LYS A 328 41.64 -30.22 3.72
N VAL A 329 42.28 -29.07 3.84
CA VAL A 329 41.85 -27.99 4.74
C VAL A 329 40.43 -27.51 4.45
N ILE A 330 39.60 -27.42 5.49
CA ILE A 330 38.23 -26.94 5.33
C ILE A 330 37.88 -25.76 6.25
N ARG A 331 37.30 -26.06 7.42
CA ARG A 331 36.92 -25.04 8.39
C ARG A 331 38.13 -24.37 9.05
N SER A 332 38.32 -23.08 8.81
CA SER A 332 39.43 -22.30 9.39
C SER A 332 38.93 -21.17 10.31
N ALA A 333 39.19 -21.31 11.60
CA ALA A 333 38.81 -20.30 12.58
C ALA A 333 39.96 -19.32 12.84
N ASP A 334 39.76 -18.38 13.75
CA ASP A 334 40.79 -17.39 14.05
C ASP A 334 41.26 -17.44 15.49
N LEU A 335 42.54 -17.77 15.66
CA LEU A 335 43.18 -17.75 16.97
C LEU A 335 43.45 -16.30 17.37
N VAL A 336 43.14 -15.97 18.61
CA VAL A 336 43.36 -14.61 19.11
C VAL A 336 43.98 -14.64 20.51
N ALA A 337 44.76 -13.62 20.82
CA ALA A 337 45.39 -13.52 22.12
C ALA A 337 44.33 -13.31 23.19
N LEU A 338 44.37 -14.15 24.23
CA LEU A 338 43.41 -14.05 25.34
C LEU A 338 43.79 -12.88 26.24
N ASN A 339 44.94 -13.00 26.89
CA ASN A 339 45.46 -11.94 27.76
C ASN A 339 46.26 -10.95 26.93
N ALA A 340 46.08 -9.66 27.21
CA ALA A 340 46.83 -8.62 26.50
C ALA A 340 48.30 -8.69 26.90
N VAL A 341 49.16 -8.02 26.12
CA VAL A 341 50.60 -7.99 26.41
C VAL A 341 51.20 -6.61 26.16
N GLU A 342 51.98 -6.13 27.15
CA GLU A 342 52.60 -4.82 27.12
C GLU A 342 53.78 -4.75 26.15
N GLU A 343 54.67 -3.79 26.38
CA GLU A 343 55.87 -3.62 25.57
C GLU A 343 57.01 -3.05 26.42
N GLY A 344 57.00 -3.33 27.71
CA GLY A 344 58.00 -2.82 28.66
C GLY A 344 59.41 -2.82 28.10
N SER B 4 -35.78 39.79 -0.04
CA SER B 4 -34.83 39.70 1.11
C SER B 4 -35.44 38.96 2.31
N MET B 5 -35.67 37.65 2.13
CA MET B 5 -36.22 36.81 3.19
C MET B 5 -35.18 35.77 3.60
N VAL B 6 -34.26 35.48 2.70
CA VAL B 6 -33.26 34.45 2.91
C VAL B 6 -31.89 35.04 3.30
N PRO B 7 -31.26 34.46 4.33
CA PRO B 7 -29.96 34.93 4.79
C PRO B 7 -28.88 34.66 3.77
N ALA B 8 -27.78 35.39 3.88
CA ALA B 8 -26.64 35.15 3.02
C ALA B 8 -26.15 33.73 3.31
N PRO B 9 -25.46 33.11 2.34
CA PRO B 9 -24.92 31.76 2.54
C PRO B 9 -23.94 31.79 3.69
N PRO B 10 -23.95 30.75 4.54
CA PRO B 10 -23.00 30.79 5.65
C PRO B 10 -21.59 30.89 5.10
N GLN B 11 -20.75 31.68 5.75
CA GLN B 11 -19.38 31.78 5.32
C GLN B 11 -18.61 30.65 5.97
N LEU B 12 -18.12 29.74 5.13
CA LEU B 12 -17.49 28.54 5.63
C LEU B 12 -16.00 28.64 5.78
N ALA B 13 -15.47 27.91 6.75
CA ALA B 13 -14.02 27.79 6.92
C ALA B 13 -13.55 26.71 5.93
N ALA B 14 -13.41 27.10 4.68
CA ALA B 14 -13.13 26.16 3.60
C ALA B 14 -12.52 26.90 2.41
N LYS B 15 -11.72 26.22 1.60
CA LYS B 15 -11.18 26.87 0.41
C LYS B 15 -12.27 27.10 -0.64
N SER B 16 -13.13 26.09 -0.83
CA SER B 16 -14.27 26.17 -1.75
C SER B 16 -15.45 25.31 -1.32
N TYR B 17 -16.62 25.57 -1.89
CA TYR B 17 -17.78 24.77 -1.59
C TYR B 17 -18.90 25.04 -2.59
N VAL B 18 -19.78 24.05 -2.70
CA VAL B 18 -20.93 24.13 -3.57
C VAL B 18 -22.05 23.38 -2.90
N LEU B 19 -23.25 23.96 -2.97
CA LEU B 19 -24.47 23.32 -2.50
C LEU B 19 -25.31 23.16 -3.75
N MET B 20 -25.74 21.94 -4.00
CA MET B 20 -26.49 21.64 -5.20
C MET B 20 -27.73 20.85 -4.85
N ASP B 21 -28.88 21.29 -5.37
CA ASP B 21 -30.13 20.56 -5.18
C ASP B 21 -30.07 19.22 -5.93
N GLY B 22 -30.50 18.14 -5.31
CA GLY B 22 -30.43 16.85 -5.98
C GLY B 22 -31.35 16.70 -7.19
N GLU B 23 -32.62 17.02 -6.99
CA GLU B 23 -33.63 16.84 -8.02
C GLU B 23 -33.38 17.67 -9.25
N SER B 24 -33.06 18.95 -9.04
CA SER B 24 -32.91 19.87 -10.17
C SER B 24 -31.48 19.99 -10.68
N GLY B 25 -30.50 19.72 -9.83
CA GLY B 25 -29.10 19.85 -10.21
C GLY B 25 -28.63 21.29 -10.31
N GLN B 26 -29.42 22.23 -9.79
CA GLN B 26 -29.00 23.61 -9.80
C GLN B 26 -28.02 23.86 -8.65
N VAL B 27 -27.00 24.68 -8.92
CA VAL B 27 -26.13 25.13 -7.87
C VAL B 27 -26.97 26.18 -7.12
N LEU B 28 -27.10 26.00 -5.81
CA LEU B 28 -27.87 26.89 -4.97
C LEU B 28 -26.94 27.91 -4.34
N VAL B 29 -25.78 27.45 -3.91
CA VAL B 29 -24.79 28.27 -3.23
C VAL B 29 -23.40 27.83 -3.65
N GLU B 30 -22.54 28.77 -4.03
CA GLU B 30 -21.14 28.43 -4.31
C GLU B 30 -20.17 29.50 -3.84
N ASN B 31 -18.97 29.05 -3.48
CA ASN B 31 -17.88 29.92 -3.13
C ASN B 31 -16.67 29.30 -3.80
N ASN B 32 -16.05 30.03 -4.71
CA ASN B 32 -14.94 29.52 -5.48
C ASN B 32 -15.24 28.16 -6.11
N GLY B 33 -16.46 28.01 -6.63
CA GLY B 33 -16.95 26.75 -7.16
C GLY B 33 -16.15 26.17 -8.30
N ASP B 34 -15.58 27.04 -9.12
CA ASP B 34 -14.79 26.55 -10.24
C ASP B 34 -13.30 26.57 -9.98
N GLN B 35 -12.90 26.82 -8.76
CA GLN B 35 -11.48 26.86 -8.49
C GLN B 35 -10.84 25.47 -8.55
N ARG B 36 -9.81 25.35 -9.37
CA ARG B 36 -9.07 24.11 -9.54
C ARG B 36 -8.22 23.81 -8.31
N LEU B 37 -8.52 22.69 -7.65
CA LEU B 37 -7.85 22.33 -6.40
C LEU B 37 -7.55 20.82 -6.40
N PRO B 38 -6.55 20.39 -5.60
CA PRO B 38 -6.25 18.96 -5.56
C PRO B 38 -7.36 18.26 -4.77
N PRO B 39 -7.91 17.19 -5.33
CA PRO B 39 -9.03 16.55 -4.67
C PRO B 39 -8.68 15.37 -3.76
N ALA B 40 -7.43 14.90 -3.85
CA ALA B 40 -6.99 13.72 -3.12
C ALA B 40 -8.00 12.57 -3.31
N SER B 41 -8.41 11.90 -2.23
CA SER B 41 -9.28 10.73 -2.42
C SER B 41 -10.65 11.01 -3.05
N LEU B 42 -11.05 12.27 -3.15
CA LEU B 42 -12.30 12.53 -3.85
C LEU B 42 -12.22 12.04 -5.28
N THR B 43 -10.99 11.86 -5.78
CA THR B 43 -10.75 11.33 -7.12
C THR B 43 -11.42 9.95 -7.29
N LYS B 44 -11.50 9.19 -6.19
CA LYS B 44 -12.09 7.84 -6.25
C LYS B 44 -13.54 7.79 -6.63
N LEU B 45 -14.26 8.91 -6.51
CA LEU B 45 -15.64 8.98 -7.02
C LEU B 45 -15.64 8.80 -8.52
N MET B 46 -14.67 9.38 -9.22
CA MET B 46 -14.60 9.17 -10.67
C MET B 46 -14.32 7.71 -11.00
N THR B 47 -13.32 7.14 -10.34
CA THR B 47 -12.93 5.76 -10.55
C THR B 47 -14.12 4.82 -10.33
N ALA B 48 -14.82 4.98 -9.21
CA ALA B 48 -15.98 4.14 -8.91
C ALA B 48 -17.08 4.42 -9.93
N TYR B 49 -17.29 5.69 -10.25
CA TYR B 49 -18.30 6.04 -11.22
C TYR B 49 -18.08 5.30 -12.53
N ILE B 50 -16.87 5.43 -13.09
CA ILE B 50 -16.54 4.76 -14.34
C ILE B 50 -16.82 3.27 -14.25
N ALA B 51 -16.51 2.67 -13.12
CA ALA B 51 -16.81 1.25 -12.96
C ALA B 51 -18.30 1.00 -13.09
N THR B 52 -19.13 1.75 -12.34
CA THR B 52 -20.58 1.56 -12.42
C THR B 52 -21.13 1.75 -13.84
N LYS B 53 -20.54 2.67 -14.61
CA LYS B 53 -20.97 2.87 -15.99
C LYS B 53 -20.58 1.67 -16.88
N GLU B 54 -19.36 1.17 -16.70
CA GLU B 54 -18.88 0.03 -17.46
C GLU B 54 -19.75 -1.19 -17.18
N ILE B 55 -20.28 -1.27 -15.97
CA ILE B 55 -21.19 -2.33 -15.58
C ILE B 55 -22.53 -2.11 -16.26
N GLU B 56 -23.16 -0.98 -15.98
CA GLU B 56 -24.42 -0.65 -16.64
C GLU B 56 -24.33 -1.01 -18.11
N ALA B 57 -23.18 -0.70 -18.74
CA ALA B 57 -23.00 -0.98 -20.16
C ALA B 57 -22.73 -2.46 -20.42
N GLY B 58 -22.51 -3.21 -19.36
CA GLY B 58 -22.26 -4.64 -19.47
C GLY B 58 -20.90 -5.04 -20.02
N ARG B 59 -19.95 -4.12 -20.04
CA ARG B 59 -18.61 -4.48 -20.47
C ARG B 59 -17.82 -5.20 -19.35
N ILE B 60 -18.25 -5.00 -18.11
CA ILE B 60 -17.72 -5.77 -16.99
C ILE B 60 -18.95 -6.17 -16.19
N GLY B 61 -18.84 -7.23 -15.39
CA GLY B 61 -19.95 -7.67 -14.56
C GLY B 61 -19.60 -7.51 -13.09
N GLU B 62 -20.60 -7.16 -12.28
CA GLU B 62 -20.38 -6.94 -10.85
C GLU B 62 -19.61 -8.04 -10.13
N ASN B 63 -19.82 -9.28 -10.55
CA ASN B 63 -19.20 -10.43 -9.89
C ASN B 63 -17.94 -10.95 -10.59
N ASP B 64 -17.52 -10.27 -11.66
CA ASP B 64 -16.30 -10.63 -12.37
C ASP B 64 -15.08 -10.54 -11.48
N LEU B 65 -14.10 -11.38 -11.76
CA LEU B 65 -12.91 -11.50 -10.91
C LEU B 65 -11.71 -10.77 -11.47
N VAL B 66 -11.07 -10.02 -10.58
CA VAL B 66 -9.98 -9.15 -10.99
C VAL B 66 -8.70 -9.68 -10.39
N THR B 67 -7.64 -9.67 -11.19
CA THR B 67 -6.33 -10.13 -10.77
C THR B 67 -5.50 -8.99 -10.21
N VAL B 68 -5.17 -9.07 -8.92
CA VAL B 68 -4.41 -8.02 -8.25
C VAL B 68 -2.98 -8.01 -8.75
N SER B 69 -2.58 -6.93 -9.40
CA SER B 69 -1.22 -6.84 -9.90
C SER B 69 -0.31 -6.33 -8.79
N GLU B 70 0.98 -6.40 -9.08
CA GLU B 70 2.02 -5.88 -8.22
C GLU B 70 1.95 -4.36 -8.10
N HIS B 71 1.64 -3.67 -9.20
CA HIS B 71 1.54 -2.20 -9.14
C HIS B 71 0.40 -1.83 -8.17
N ALA B 72 -0.73 -2.52 -8.26
CA ALA B 72 -1.82 -2.31 -7.28
C ALA B 72 -1.38 -2.51 -5.83
N TRP B 73 -0.66 -3.60 -5.57
CA TRP B 73 -0.19 -3.94 -4.22
C TRP B 73 0.79 -2.91 -3.66
N ARG B 74 1.68 -2.41 -4.52
CA ARG B 74 2.69 -1.45 -4.11
C ARG B 74 2.20 -0.02 -3.84
N THR B 75 0.92 0.23 -4.03
CA THR B 75 0.35 1.56 -3.75
C THR B 75 0.51 1.94 -2.30
N GLY B 76 0.58 3.24 -2.05
CA GLY B 76 0.57 3.77 -0.70
C GLY B 76 -0.86 4.19 -0.35
N GLY B 77 -0.97 5.08 0.63
CA GLY B 77 -2.27 5.61 1.07
C GLY B 77 -3.14 4.53 1.70
N SER B 78 -4.46 4.74 1.76
CA SER B 78 -5.36 3.73 2.31
C SER B 78 -5.31 2.38 1.58
N ARG B 79 -5.76 1.34 2.27
CA ARG B 79 -5.56 -0.02 1.80
C ARG B 79 -6.70 -0.97 2.23
N MET B 80 -7.20 -1.72 1.26
CA MET B 80 -8.25 -2.72 1.45
C MET B 80 -7.59 -4.01 1.93
N PHE B 81 -6.31 -4.13 1.60
CA PHE B 81 -5.45 -5.25 1.98
C PHE B 81 -5.66 -6.46 1.10
N ILE B 82 -5.56 -6.25 -0.21
CA ILE B 82 -5.76 -7.33 -1.16
C ILE B 82 -4.43 -7.94 -1.51
N LYS B 83 -4.44 -9.25 -1.60
CA LYS B 83 -3.23 -10.02 -1.77
C LYS B 83 -2.78 -10.06 -3.23
N VAL B 84 -1.50 -9.83 -3.46
CA VAL B 84 -1.02 -9.84 -4.84
C VAL B 84 -1.28 -11.19 -5.49
N GLY B 85 -1.53 -11.17 -6.80
CA GLY B 85 -1.83 -12.39 -7.53
C GLY B 85 -3.15 -13.02 -7.14
N SER B 86 -3.86 -12.46 -6.17
CA SER B 86 -5.18 -12.98 -5.78
C SER B 86 -6.31 -12.45 -6.68
N GLN B 87 -7.52 -12.99 -6.48
CA GLN B 87 -8.69 -12.57 -7.27
C GLN B 87 -9.83 -11.99 -6.44
N VAL B 88 -10.18 -10.75 -6.74
CA VAL B 88 -11.23 -10.08 -5.98
C VAL B 88 -12.32 -9.71 -6.96
N SER B 89 -13.57 -9.74 -6.52
CA SER B 89 -14.67 -9.38 -7.40
C SER B 89 -14.75 -7.87 -7.55
N VAL B 90 -15.15 -7.45 -8.76
CA VAL B 90 -15.40 -6.06 -9.02
C VAL B 90 -16.18 -5.43 -7.88
N SER B 91 -17.19 -6.13 -7.37
CA SER B 91 -18.03 -5.62 -6.29
C SER B 91 -17.31 -5.43 -4.96
N ASP B 92 -16.44 -6.37 -4.61
CA ASP B 92 -15.67 -6.26 -3.37
C ASP B 92 -14.70 -5.06 -3.48
N LEU B 93 -14.06 -4.92 -4.64
CA LEU B 93 -13.12 -3.83 -4.90
C LEU B 93 -13.80 -2.47 -4.77
N LEU B 94 -15.01 -2.37 -5.32
CA LEU B 94 -15.82 -1.19 -5.27
C LEU B 94 -16.18 -0.82 -3.83
N HIS B 95 -16.45 -1.83 -3.01
CA HIS B 95 -16.68 -1.59 -1.61
C HIS B 95 -15.39 -1.07 -0.98
N GLY B 96 -14.27 -1.65 -1.39
CA GLY B 96 -12.95 -1.24 -0.86
C GLY B 96 -12.67 0.23 -1.22
N ILE B 97 -12.91 0.57 -2.48
CA ILE B 97 -12.64 1.91 -3.00
C ILE B 97 -13.54 2.91 -2.29
N ILE B 98 -14.85 2.67 -2.38
CA ILE B 98 -15.87 3.55 -1.83
C ILE B 98 -15.86 3.75 -0.33
N ILE B 99 -15.82 2.65 0.42
CA ILE B 99 -15.93 2.71 1.88
C ILE B 99 -14.57 2.88 2.57
N GLN B 100 -13.56 2.19 2.07
CA GLN B 100 -12.24 2.27 2.71
C GLN B 100 -11.28 3.18 1.93
N SER B 101 -11.66 3.61 0.73
CA SER B 101 -10.78 4.47 -0.04
C SER B 101 -9.46 3.71 -0.30
N GLY B 102 -9.55 2.39 -0.52
CA GLY B 102 -8.36 1.59 -0.75
C GLY B 102 -7.70 1.93 -2.08
N ASN B 103 -6.43 2.33 -2.05
CA ASN B 103 -5.71 2.62 -3.32
C ASN B 103 -5.34 1.34 -4.08
N ASP B 104 -5.08 0.28 -3.32
CA ASP B 104 -4.82 -1.01 -3.97
C ASP B 104 -6.06 -1.43 -4.76
N ALA B 105 -7.23 -1.40 -4.13
CA ALA B 105 -8.45 -1.71 -4.87
C ALA B 105 -8.65 -0.76 -6.07
N SER B 106 -8.41 0.53 -5.86
CA SER B 106 -8.62 1.52 -6.91
C SER B 106 -7.79 1.17 -8.10
N VAL B 107 -6.50 0.94 -7.87
CA VAL B 107 -5.60 0.62 -8.97
C VAL B 107 -5.94 -0.72 -9.63
N ALA B 108 -6.34 -1.72 -8.84
CA ALA B 108 -6.72 -3.02 -9.43
C ALA B 108 -7.94 -2.88 -10.33
N LEU B 109 -8.96 -2.16 -9.86
CA LEU B 109 -10.13 -1.97 -10.72
C LEU B 109 -9.76 -1.17 -12.00
N ALA B 110 -8.99 -0.10 -11.83
CA ALA B 110 -8.56 0.73 -12.97
C ALA B 110 -7.87 -0.11 -14.04
N GLU B 111 -6.93 -0.94 -13.60
CA GLU B 111 -6.23 -1.82 -14.52
C GLU B 111 -7.12 -2.85 -15.17
N HIS B 112 -8.08 -3.39 -14.43
CA HIS B 112 -8.96 -4.36 -15.01
C HIS B 112 -9.76 -3.71 -16.15
N ILE B 113 -10.29 -2.52 -15.91
CA ILE B 113 -11.12 -1.83 -16.88
C ILE B 113 -10.33 -1.34 -18.11
N ALA B 114 -9.12 -0.86 -17.89
CA ALA B 114 -8.40 -0.19 -18.95
C ALA B 114 -7.07 -0.77 -19.36
N GLY B 115 -6.66 -1.86 -18.72
CA GLY B 115 -5.35 -2.43 -19.01
C GLY B 115 -4.28 -1.79 -18.15
N SER B 116 -4.20 -0.47 -18.18
CA SER B 116 -3.21 0.23 -17.39
C SER B 116 -3.85 1.39 -16.66
N GLU B 117 -3.15 1.88 -15.64
CA GLU B 117 -3.68 3.00 -14.90
C GLU B 117 -3.62 4.27 -15.76
N ASP B 118 -2.58 4.40 -16.58
CA ASP B 118 -2.46 5.52 -17.50
C ASP B 118 -3.63 5.55 -18.48
N ALA B 119 -4.08 4.37 -18.93
CA ALA B 119 -5.19 4.31 -19.86
C ALA B 119 -6.49 4.62 -19.15
N PHE B 120 -6.56 4.25 -17.87
CA PHE B 120 -7.74 4.52 -17.08
C PHE B 120 -7.83 6.03 -16.85
N ALA B 121 -6.71 6.68 -16.61
CA ALA B 121 -6.74 8.14 -16.43
C ALA B 121 -7.23 8.81 -17.71
N ASP B 122 -6.91 8.24 -18.87
CA ASP B 122 -7.44 8.76 -20.13
C ASP B 122 -8.94 8.59 -20.13
N MET B 123 -9.43 7.43 -19.72
CA MET B 123 -10.87 7.23 -19.59
C MET B 123 -11.52 8.21 -18.61
N MET B 124 -10.83 8.52 -17.51
CA MET B 124 -11.33 9.48 -16.52
C MET B 124 -11.53 10.85 -17.18
N ASN B 125 -10.51 11.29 -17.93
CA ASN B 125 -10.63 12.56 -18.64
C ASN B 125 -11.73 12.58 -19.71
N THR B 126 -11.96 11.45 -20.36
CA THR B 126 -13.02 11.35 -21.37
C THR B 126 -14.38 11.41 -20.69
N THR B 127 -14.50 10.71 -19.57
CA THR B 127 -15.72 10.74 -18.79
C THR B 127 -15.97 12.15 -18.27
N ALA B 128 -14.92 12.83 -17.86
CA ALA B 128 -15.02 14.20 -17.37
C ALA B 128 -15.64 15.13 -18.42
N GLN B 129 -15.14 15.06 -19.64
CA GLN B 129 -15.66 15.89 -20.73
C GLN B 129 -17.14 15.57 -20.98
N LYS B 130 -17.47 14.29 -20.96
CA LYS B 130 -18.84 13.84 -21.18
C LYS B 130 -19.84 14.24 -20.09
N LEU B 131 -19.36 14.53 -18.89
CA LEU B 131 -20.22 14.96 -17.80
C LEU B 131 -20.32 16.47 -17.76
N GLY B 132 -19.48 17.13 -18.56
CA GLY B 132 -19.45 18.58 -18.61
C GLY B 132 -18.60 19.13 -17.47
N LEU B 133 -17.68 18.32 -16.94
CA LEU B 133 -16.84 18.85 -15.87
C LEU B 133 -16.02 19.89 -16.57
N THR B 134 -15.80 21.04 -15.94
CA THR B 134 -15.14 22.12 -16.63
C THR B 134 -13.77 22.37 -16.08
N ASN B 135 -13.52 21.85 -14.89
CA ASN B 135 -12.29 22.17 -14.22
C ASN B 135 -11.65 20.98 -13.56
N SER B 136 -11.70 19.86 -14.26
CA SER B 136 -11.16 18.61 -13.73
C SER B 136 -10.18 17.94 -14.71
N HIS B 137 -9.04 17.50 -14.19
CA HIS B 137 -8.12 16.70 -15.01
C HIS B 137 -7.48 15.65 -14.14
N PHE B 138 -7.35 14.44 -14.67
CA PHE B 138 -6.87 13.32 -13.87
C PHE B 138 -5.60 12.65 -14.39
N MET B 139 -4.65 12.46 -13.49
CA MET B 139 -3.37 11.80 -13.78
C MET B 139 -3.33 10.33 -13.26
N ASP B 140 -4.21 9.98 -12.31
CA ASP B 140 -4.28 8.59 -11.83
C ASP B 140 -5.64 8.23 -11.24
N ALA B 141 -5.79 6.99 -10.80
CA ALA B 141 -7.06 6.52 -10.28
C ALA B 141 -7.29 6.81 -8.81
N THR B 142 -6.27 7.31 -8.12
CA THR B 142 -6.37 7.45 -6.67
C THR B 142 -6.37 8.87 -6.11
N GLY B 143 -5.78 9.81 -6.83
CA GLY B 143 -5.66 11.18 -6.34
C GLY B 143 -4.31 11.57 -5.76
N LEU B 144 -3.22 10.93 -6.21
CA LEU B 144 -1.89 11.25 -5.73
C LEU B 144 -1.60 12.71 -6.07
N PRO B 145 -0.85 13.42 -5.20
CA PRO B 145 -0.54 14.83 -5.40
C PRO B 145 0.21 15.03 -6.72
N ASN B 146 -0.37 15.83 -7.61
CA ASN B 146 0.27 16.14 -8.88
C ASN B 146 -0.29 17.49 -9.33
N PRO B 147 0.58 18.36 -9.87
CA PRO B 147 0.09 19.65 -10.37
C PRO B 147 -0.94 19.56 -11.48
N ASP B 148 -0.93 18.52 -12.28
CA ASP B 148 -1.93 18.39 -13.34
C ASP B 148 -3.10 17.49 -12.94
N HIS B 149 -3.21 17.22 -11.63
CA HIS B 149 -4.35 16.38 -11.13
C HIS B 149 -5.20 17.27 -10.20
N TYR B 150 -6.36 17.70 -10.68
CA TYR B 150 -7.15 18.68 -9.93
C TYR B 150 -8.65 18.52 -10.27
N SER B 151 -9.51 19.10 -9.45
CA SER B 151 -10.96 19.14 -9.74
C SER B 151 -11.51 20.38 -9.03
N SER B 152 -12.82 20.52 -8.94
CA SER B 152 -13.42 21.70 -8.30
C SER B 152 -14.63 21.27 -7.51
N ALA B 153 -15.08 22.14 -6.61
CA ALA B 153 -16.24 21.82 -5.81
C ALA B 153 -17.42 21.62 -6.73
N ARG B 154 -17.51 22.44 -7.78
CA ARG B 154 -18.65 22.33 -8.70
C ARG B 154 -18.60 21.04 -9.50
N ASP B 155 -17.41 20.69 -9.98
CA ASP B 155 -17.28 19.47 -10.77
C ASP B 155 -17.60 18.25 -9.93
N MET B 156 -17.09 18.26 -8.69
CA MET B 156 -17.35 17.13 -7.79
C MET B 156 -18.85 17.00 -7.52
N ALA B 157 -19.54 18.13 -7.43
CA ALA B 157 -20.98 18.15 -7.21
C ALA B 157 -21.71 17.53 -8.40
N VAL B 158 -21.27 17.91 -9.60
CA VAL B 158 -21.81 17.33 -10.81
C VAL B 158 -21.58 15.82 -10.85
N LEU B 159 -20.39 15.37 -10.44
CA LEU B 159 -20.08 13.93 -10.47
C LEU B 159 -20.88 13.20 -9.38
N ALA B 160 -20.93 13.79 -8.20
CA ALA B 160 -21.76 13.21 -7.15
C ALA B 160 -23.19 12.99 -7.67
N ARG B 161 -23.71 13.97 -8.37
CA ARG B 161 -25.08 13.83 -8.82
C ARG B 161 -25.23 12.65 -9.78
N ALA B 162 -24.31 12.50 -10.71
CA ALA B 162 -24.36 11.38 -11.66
C ALA B 162 -24.36 10.05 -10.89
N ILE B 163 -23.50 9.96 -9.89
CA ILE B 163 -23.40 8.79 -9.06
C ILE B 163 -24.66 8.56 -8.25
N ILE B 164 -25.16 9.61 -7.59
CA ILE B 164 -26.29 9.48 -6.67
C ILE B 164 -27.54 8.94 -7.37
N TYR B 165 -27.77 9.38 -8.60
CA TYR B 165 -28.95 8.96 -9.33
C TYR B 165 -28.71 7.79 -10.30
N GLY B 166 -27.65 7.04 -10.05
CA GLY B 166 -27.36 5.83 -10.82
C GLY B 166 -28.10 4.68 -10.16
N GLU B 167 -27.61 3.46 -10.36
CA GLU B 167 -28.21 2.30 -9.72
C GLU B 167 -28.29 2.43 -8.20
N PRO B 168 -29.48 2.25 -7.63
CA PRO B 168 -29.67 2.31 -6.19
C PRO B 168 -28.81 1.32 -5.41
N SER B 169 -28.56 0.15 -5.99
CA SER B 169 -27.74 -0.87 -5.33
C SER B 169 -26.25 -0.45 -5.36
N HIS B 170 -25.88 0.27 -6.41
CA HIS B 170 -24.55 0.82 -6.50
C HIS B 170 -24.42 1.99 -5.54
N TYR B 171 -25.36 2.93 -5.61
CA TYR B 171 -25.27 4.07 -4.71
C TYR B 171 -25.31 3.70 -3.23
N ALA B 172 -26.00 2.61 -2.89
CA ALA B 172 -26.10 2.16 -1.50
C ALA B 172 -24.72 1.88 -0.86
N ILE B 173 -23.73 1.48 -1.67
CA ILE B 173 -22.40 1.25 -1.11
C ILE B 173 -21.88 2.48 -0.34
N TYR B 174 -22.20 3.68 -0.82
CA TYR B 174 -21.73 4.91 -0.17
C TYR B 174 -22.30 5.15 1.24
N ALA B 175 -23.37 4.45 1.61
CA ALA B 175 -23.97 4.65 2.94
C ALA B 175 -23.44 3.68 4.00
N GLN B 176 -22.74 2.64 3.55
CA GLN B 176 -22.19 1.65 4.46
C GLN B 176 -21.12 2.23 5.39
N LYS B 177 -21.28 1.97 6.68
CA LYS B 177 -20.44 2.53 7.71
C LYS B 177 -19.09 1.83 7.92
N GLU B 178 -18.92 0.64 7.34
CA GLU B 178 -17.68 -0.07 7.47
C GLU B 178 -17.57 -1.21 6.47
N PHE B 179 -16.37 -1.76 6.33
CA PHE B 179 -16.14 -2.86 5.40
C PHE B 179 -15.08 -3.81 5.88
N LEU B 180 -15.32 -5.10 5.64
CA LEU B 180 -14.46 -6.17 6.08
C LEU B 180 -13.75 -6.80 4.91
N TRP B 181 -12.43 -6.79 4.93
CA TRP B 181 -11.74 -7.53 3.89
C TRP B 181 -10.49 -8.13 4.46
N ASN B 182 -10.26 -9.39 4.10
CA ASN B 182 -9.08 -10.12 4.53
C ASN B 182 -8.89 -9.94 6.02
N ASN B 183 -9.96 -10.18 6.77
CA ASN B 183 -9.94 -10.07 8.23
C ASN B 183 -9.68 -8.70 8.84
N ILE B 184 -9.65 -7.66 8.02
CA ILE B 184 -9.41 -6.32 8.58
C ILE B 184 -10.67 -5.49 8.30
N LYS B 185 -11.26 -4.92 9.34
CA LYS B 185 -12.48 -4.14 9.18
C LYS B 185 -12.18 -2.69 9.37
N GLN B 186 -12.63 -1.86 8.45
CA GLN B 186 -12.27 -0.46 8.52
C GLN B 186 -13.49 0.41 8.41
N PRO B 187 -13.51 1.52 9.13
CA PRO B 187 -14.64 2.43 9.09
C PRO B 187 -14.63 3.38 7.88
N ASN B 188 -15.81 3.71 7.40
CA ASN B 188 -16.00 4.75 6.44
C ASN B 188 -15.56 6.07 7.09
N ARG B 189 -14.76 6.86 6.36
CA ARG B 189 -14.16 8.08 6.89
C ARG B 189 -15.17 9.24 6.98
N ASN B 190 -16.34 9.05 6.40
CA ASN B 190 -17.33 10.09 6.39
C ASN B 190 -18.09 10.21 7.75
N LEU B 191 -17.56 11.02 8.64
CA LEU B 191 -18.15 11.25 9.96
C LEU B 191 -19.61 11.60 9.94
N LEU B 192 -20.02 12.33 8.90
CA LEU B 192 -21.41 12.70 8.74
C LEU B 192 -22.36 11.52 8.63
N LEU B 193 -21.87 10.43 8.06
CA LEU B 193 -22.66 9.21 7.95
C LEU B 193 -23.06 8.70 9.31
N TRP B 194 -22.10 8.77 10.22
CA TRP B 194 -22.21 8.24 11.56
C TRP B 194 -23.03 9.19 12.41
N ARG B 195 -22.88 10.49 12.16
CA ARG B 195 -23.54 11.49 12.98
C ARG B 195 -24.91 11.95 12.48
N ASP B 196 -25.15 11.87 11.17
CA ASP B 196 -26.38 12.38 10.59
C ASP B 196 -27.08 11.31 9.77
N LYS B 197 -28.14 10.75 10.35
CA LYS B 197 -28.88 9.66 9.74
C LYS B 197 -29.50 10.04 8.41
N THR B 198 -29.60 11.34 8.12
CA THR B 198 -30.16 11.78 6.85
C THR B 198 -29.08 11.72 5.73
N VAL B 199 -27.82 11.65 6.14
CA VAL B 199 -26.70 11.58 5.17
C VAL B 199 -26.48 10.15 4.64
N ASP B 200 -26.33 10.01 3.34
CA ASP B 200 -26.10 8.70 2.75
C ASP B 200 -24.89 8.60 1.79
N GLY B 201 -23.99 9.58 1.85
CA GLY B 201 -22.75 9.56 1.01
C GLY B 201 -21.99 10.87 1.17
N LEU B 202 -20.87 11.03 0.45
CA LEU B 202 -20.33 10.00 -0.41
C LEU B 202 -18.84 9.77 -0.13
N LYS B 203 -18.04 10.84 -0.10
CA LYS B 203 -16.62 10.59 -0.06
C LYS B 203 -15.76 11.63 0.61
N THR B 204 -14.76 11.17 1.36
CA THR B 204 -13.82 12.08 1.99
C THR B 204 -12.49 12.10 1.25
N GLY B 205 -11.74 13.19 1.43
CA GLY B 205 -10.39 13.29 0.87
C GLY B 205 -9.52 14.15 1.76
N HIS B 206 -8.23 13.81 1.87
CA HIS B 206 -7.29 14.61 2.64
C HIS B 206 -5.78 14.54 2.32
N THR B 207 -5.14 15.71 2.27
CA THR B 207 -3.66 15.86 2.33
C THR B 207 -3.47 17.26 2.90
N ASP B 208 -2.29 17.54 3.45
CA ASP B 208 -2.04 18.90 3.99
C ASP B 208 -2.25 19.89 2.86
N GLU B 209 -1.73 19.55 1.69
CA GLU B 209 -1.91 20.35 0.48
C GLU B 209 -3.40 20.60 0.22
N ALA B 210 -4.17 19.53 0.10
CA ALA B 210 -5.61 19.65 -0.23
C ALA B 210 -6.51 20.09 0.92
N GLY B 211 -6.02 20.02 2.15
CA GLY B 211 -6.88 20.25 3.33
C GLY B 211 -7.85 19.07 3.45
N TYR B 212 -8.81 19.17 4.39
CA TYR B 212 -9.82 18.10 4.59
C TYR B 212 -11.05 18.33 3.69
N CYS B 213 -11.28 17.44 2.71
CA CYS B 213 -12.37 17.60 1.72
C CYS B 213 -13.53 16.60 1.83
N LEU B 214 -14.74 16.99 1.44
CA LEU B 214 -15.88 16.07 1.52
C LEU B 214 -16.88 16.34 0.42
N VAL B 215 -17.43 15.25 -0.09
CA VAL B 215 -18.59 15.30 -0.99
C VAL B 215 -19.69 14.55 -0.21
N ALA B 216 -20.73 15.28 0.20
CA ALA B 216 -21.79 14.66 0.99
C ALA B 216 -23.14 14.91 0.34
N SER B 217 -24.14 14.13 0.73
CA SER B 217 -25.49 14.32 0.26
C SER B 217 -26.40 13.75 1.33
N ALA B 218 -27.53 14.42 1.53
CA ALA B 218 -28.50 14.01 2.55
C ALA B 218 -29.91 14.20 1.97
N VAL B 219 -30.88 13.55 2.60
CA VAL B 219 -32.29 13.68 2.22
C VAL B 219 -33.08 14.03 3.47
N ARG B 220 -33.78 15.16 3.43
CA ARG B 220 -34.65 15.59 4.53
C ARG B 220 -35.98 16.09 3.98
N ASP B 221 -37.08 15.58 4.55
CA ASP B 221 -38.42 16.03 4.18
C ASP B 221 -38.67 16.11 2.67
N GLY B 222 -38.35 15.05 1.93
CA GLY B 222 -38.57 15.05 0.48
C GLY B 222 -37.58 15.80 -0.39
N GLN B 223 -36.54 16.38 0.20
CA GLN B 223 -35.55 17.09 -0.59
C GLN B 223 -34.19 16.38 -0.53
N ARG B 224 -33.41 16.52 -1.59
CA ARG B 224 -32.03 16.05 -1.55
C ARG B 224 -31.08 17.20 -1.79
N MET B 225 -30.03 17.27 -0.96
CA MET B 225 -29.00 18.27 -1.06
C MET B 225 -27.64 17.59 -1.24
N ILE B 226 -26.80 18.20 -2.08
CA ILE B 226 -25.47 17.72 -2.36
C ILE B 226 -24.56 18.83 -1.90
N ALA B 227 -23.64 18.52 -0.99
CA ALA B 227 -22.77 19.54 -0.43
C ALA B 227 -21.33 19.10 -0.60
N VAL B 228 -20.54 19.96 -1.23
CA VAL B 228 -19.14 19.68 -1.48
C VAL B 228 -18.33 20.77 -0.81
N VAL B 229 -17.28 20.36 -0.07
CA VAL B 229 -16.42 21.31 0.60
C VAL B 229 -14.97 20.89 0.37
N PHE B 230 -14.13 21.82 -0.10
CA PHE B 230 -12.68 21.59 -0.21
C PHE B 230 -11.91 22.41 0.80
N GLY B 231 -10.86 21.82 1.35
CA GLY B 231 -9.91 22.52 2.19
C GLY B 231 -10.33 23.06 3.53
N THR B 232 -10.99 22.24 4.35
CA THR B 232 -11.29 22.64 5.71
C THR B 232 -10.08 22.22 6.54
N ASN B 233 -10.03 22.61 7.81
CA ASN B 233 -8.85 22.35 8.62
C ASN B 233 -8.77 21.11 9.49
N SER B 234 -9.82 20.30 9.49
CA SER B 234 -9.78 19.09 10.29
C SER B 234 -11.00 18.23 10.04
N GLU B 235 -10.94 16.99 10.51
CA GLU B 235 -12.04 16.06 10.38
C GLU B 235 -13.35 16.61 10.94
N GLN B 236 -13.25 17.31 12.06
CA GLN B 236 -14.45 17.83 12.64
C GLN B 236 -14.91 19.13 11.98
N ALA B 237 -13.96 19.97 11.60
CA ALA B 237 -14.32 21.16 10.84
C ALA B 237 -15.05 20.70 9.55
N ARG B 238 -14.54 19.65 8.92
CA ARG B 238 -15.12 19.14 7.68
C ARG B 238 -16.60 18.70 7.84
N ALA B 239 -16.88 17.94 8.88
CA ALA B 239 -18.25 17.54 9.17
C ALA B 239 -19.10 18.78 9.55
N ALA B 240 -18.57 19.62 10.42
CA ALA B 240 -19.32 20.78 10.91
C ALA B 240 -19.67 21.75 9.79
N GLU B 241 -18.68 22.11 8.98
CA GLU B 241 -18.93 23.06 7.90
C GLU B 241 -19.96 22.51 6.89
N THR B 242 -19.82 21.24 6.55
CA THR B 242 -20.74 20.62 5.63
C THR B 242 -22.17 20.56 6.19
N GLN B 243 -22.30 20.30 7.49
CA GLN B 243 -23.61 20.21 8.09
C GLN B 243 -24.30 21.56 7.98
N LYS B 244 -23.55 22.64 8.21
CA LYS B 244 -24.08 24.00 8.06
C LYS B 244 -24.63 24.23 6.66
N LEU B 245 -23.87 23.81 5.65
CA LEU B 245 -24.25 24.02 4.26
C LEU B 245 -25.49 23.20 3.87
N LEU B 246 -25.52 21.93 4.25
CA LEU B 246 -26.67 21.07 3.99
C LEU B 246 -27.94 21.64 4.61
N THR B 247 -27.84 22.00 5.87
CA THR B 247 -29.00 22.47 6.64
C THR B 247 -29.54 23.78 6.08
N TYR B 248 -28.63 24.65 5.66
CA TYR B 248 -28.98 25.90 5.01
C TYR B 248 -29.84 25.62 3.77
N GLY B 249 -29.45 24.61 3.01
CA GLY B 249 -30.20 24.23 1.82
C GLY B 249 -31.62 23.82 2.17
N PHE B 250 -31.74 22.85 3.07
CA PHE B 250 -33.04 22.36 3.47
C PHE B 250 -33.93 23.45 4.07
N ARG B 251 -33.35 24.39 4.81
CA ARG B 251 -34.18 25.39 5.46
C ARG B 251 -34.70 26.46 4.54
N PHE B 252 -33.83 26.93 3.64
CA PHE B 252 -34.16 28.09 2.86
C PHE B 252 -34.57 27.87 1.42
N PHE B 253 -34.45 26.63 0.95
CA PHE B 253 -34.84 26.37 -0.42
C PHE B 253 -36.00 25.40 -0.47
N GLU B 254 -36.91 25.67 -1.39
CA GLU B 254 -38.07 24.84 -1.60
C GLU B 254 -38.05 24.27 -3.02
N SER B 255 -38.52 23.04 -3.15
CA SER B 255 -38.56 22.39 -4.43
C SER B 255 -40.00 22.31 -4.89
N ARG B 256 -40.26 22.72 -6.12
CA ARG B 256 -41.58 22.59 -6.71
C ARG B 256 -41.51 22.05 -8.12
N ASN B 257 -42.27 20.98 -8.35
CA ASN B 257 -42.35 20.42 -9.68
C ASN B 257 -43.31 21.28 -10.50
N PHE B 258 -42.82 21.74 -11.66
CA PHE B 258 -43.61 22.57 -12.54
C PHE B 258 -44.27 21.73 -13.61
N TYR B 259 -43.48 21.32 -14.59
CA TYR B 259 -43.98 20.50 -15.68
C TYR B 259 -43.62 19.02 -15.51
N LYS B 260 -44.63 18.17 -15.68
CA LYS B 260 -44.46 16.74 -15.66
C LYS B 260 -43.94 16.34 -17.05
N LYS B 261 -43.09 15.33 -17.13
CA LYS B 261 -42.54 14.90 -18.43
C LYS B 261 -43.62 14.20 -19.26
N GLY B 262 -43.66 14.51 -20.56
CA GLY B 262 -44.62 13.88 -21.44
C GLY B 262 -45.86 14.71 -21.72
N THR B 263 -46.29 15.52 -20.76
CA THR B 263 -47.46 16.36 -20.95
C THR B 263 -47.21 17.34 -22.10
N GLU B 264 -48.28 17.70 -22.80
CA GLU B 264 -48.18 18.68 -23.88
C GLU B 264 -48.10 20.08 -23.31
N LEU B 265 -47.18 20.87 -23.85
CA LEU B 265 -46.99 22.24 -23.40
C LEU B 265 -47.46 23.24 -24.44
N THR B 266 -47.06 23.03 -25.69
CA THR B 266 -47.41 23.91 -26.79
C THR B 266 -47.50 23.06 -28.06
N LYS B 267 -47.41 23.69 -29.23
CA LYS B 267 -47.41 22.97 -30.51
C LYS B 267 -46.43 23.60 -31.51
N GLY B 268 -45.83 22.78 -32.36
CA GLY B 268 -44.82 23.26 -33.30
C GLY B 268 -45.18 23.16 -34.76
N LEU B 269 -44.55 24.03 -35.55
CA LEU B 269 -44.78 24.09 -37.00
C LEU B 269 -43.90 23.10 -37.75
N VAL B 270 -44.53 22.28 -38.60
CA VAL B 270 -43.83 21.27 -39.37
C VAL B 270 -44.03 21.45 -40.87
N TRP B 271 -42.93 21.48 -41.61
CA TRP B 271 -42.96 21.60 -43.08
C TRP B 271 -42.71 20.24 -43.71
N LYS B 272 -43.28 20.02 -44.90
CA LYS B 272 -43.11 18.78 -45.65
C LYS B 272 -43.47 17.57 -44.79
N GLY B 273 -44.54 17.70 -43.99
CA GLY B 273 -44.95 16.62 -43.11
C GLY B 273 -46.35 16.11 -43.36
N SER B 274 -46.58 14.84 -43.05
CA SER B 274 -47.90 14.24 -43.19
C SER B 274 -48.89 14.99 -42.31
N GLU B 275 -48.37 15.59 -41.24
CA GLU B 275 -49.19 16.39 -40.35
C GLU B 275 -48.74 17.85 -40.35
N HIS B 276 -49.65 18.74 -39.95
CA HIS B 276 -49.39 20.17 -39.92
C HIS B 276 -48.57 20.62 -38.71
N GLU B 277 -48.84 20.02 -37.56
CA GLU B 277 -48.15 20.38 -36.33
C GLU B 277 -47.83 19.16 -35.48
N VAL B 278 -46.82 19.31 -34.61
CA VAL B 278 -46.40 18.25 -33.70
C VAL B 278 -46.44 18.76 -32.26
N LYS B 279 -46.95 17.93 -31.36
CA LYS B 279 -47.02 18.29 -29.95
C LYS B 279 -45.63 18.31 -29.32
N ALA B 280 -45.27 19.42 -28.69
CA ALA B 280 -43.97 19.58 -28.04
C ALA B 280 -44.11 19.41 -26.53
N GLY B 281 -43.14 18.73 -25.92
CA GLY B 281 -43.16 18.48 -24.49
C GLY B 281 -41.77 18.31 -23.91
N LEU B 282 -41.71 17.83 -22.68
CA LEU B 282 -40.43 17.67 -22.01
C LEU B 282 -39.98 16.22 -21.82
N ALA B 283 -38.70 16.00 -22.07
CA ALA B 283 -38.08 14.70 -21.88
C ALA B 283 -38.26 14.24 -20.43
N GLU B 284 -37.71 15.01 -19.50
CA GLU B 284 -37.78 14.62 -18.09
C GLU B 284 -38.57 15.60 -17.24
N ASP B 285 -39.11 15.12 -16.11
CA ASP B 285 -39.78 15.99 -15.15
C ASP B 285 -38.81 17.09 -14.82
N LEU B 286 -39.26 18.33 -14.88
CA LEU B 286 -38.38 19.43 -14.51
C LEU B 286 -38.91 20.24 -13.34
N THR B 287 -38.27 20.03 -12.20
CA THR B 287 -38.64 20.69 -10.96
C THR B 287 -37.72 21.88 -10.74
N MET B 288 -38.20 22.84 -9.96
CA MET B 288 -37.40 24.01 -9.62
C MET B 288 -37.11 23.97 -8.13
N THR B 289 -35.94 24.48 -7.76
CA THR B 289 -35.59 24.63 -6.35
C THR B 289 -35.04 26.02 -6.19
N LEU B 290 -35.73 26.81 -5.37
CA LEU B 290 -35.35 28.21 -5.16
C LEU B 290 -35.59 28.71 -3.75
N PRO B 291 -35.00 29.87 -3.41
CA PRO B 291 -35.18 30.46 -2.10
C PRO B 291 -36.66 30.68 -1.89
N ARG B 292 -37.16 30.31 -0.71
CA ARG B 292 -38.57 30.50 -0.42
C ARG B 292 -39.00 31.95 -0.66
N GLY B 293 -40.21 32.14 -1.18
CA GLY B 293 -40.71 33.47 -1.53
C GLY B 293 -40.25 33.94 -2.91
N GLN B 294 -39.50 33.10 -3.62
CA GLN B 294 -39.01 33.44 -4.96
C GLN B 294 -39.80 32.68 -6.01
N MET B 295 -40.40 31.58 -5.57
CA MET B 295 -41.14 30.69 -6.45
C MET B 295 -42.24 31.47 -7.17
N GLN B 296 -42.86 32.41 -6.46
CA GLN B 296 -43.94 33.22 -7.02
C GLN B 296 -43.45 34.47 -7.75
N LYS B 297 -42.42 34.32 -8.58
CA LYS B 297 -41.89 35.39 -9.41
C LYS B 297 -41.38 34.80 -10.72
N LEU B 298 -41.71 33.54 -10.99
CA LEU B 298 -41.20 32.84 -12.16
C LEU B 298 -42.11 32.89 -13.39
N GLN B 299 -41.49 32.98 -14.57
CA GLN B 299 -42.20 32.97 -15.85
C GLN B 299 -41.59 32.00 -16.86
N ALA B 300 -42.45 31.23 -17.52
CA ALA B 300 -42.02 30.27 -18.53
C ALA B 300 -42.08 30.87 -19.95
N SER B 301 -41.13 30.49 -20.80
CA SER B 301 -41.06 30.95 -22.18
C SER B 301 -40.74 29.80 -23.12
N MET B 302 -41.56 29.62 -24.16
CA MET B 302 -41.37 28.53 -25.11
C MET B 302 -40.95 29.03 -26.49
N VAL B 303 -39.86 28.44 -27.00
CA VAL B 303 -39.28 28.88 -28.26
C VAL B 303 -39.08 27.70 -29.22
N LEU B 304 -39.99 27.52 -30.16
CA LEU B 304 -39.92 26.42 -31.12
C LEU B 304 -39.27 26.83 -32.45
N GLU B 305 -38.71 25.85 -33.14
CA GLU B 305 -38.05 26.09 -34.42
C GLU B 305 -39.04 26.20 -35.60
N PRO B 306 -38.99 27.33 -36.33
CA PRO B 306 -39.83 27.57 -37.50
C PRO B 306 -39.51 26.65 -38.69
N GLN B 307 -38.25 26.67 -39.17
CA GLN B 307 -37.83 25.85 -40.29
C GLN B 307 -37.76 24.36 -39.94
N LEU B 308 -38.75 23.88 -39.18
CA LEU B 308 -38.77 22.48 -38.76
C LEU B 308 -39.13 21.52 -39.89
N MET B 309 -38.16 20.70 -40.29
CA MET B 309 -38.32 19.79 -41.42
C MET B 309 -38.67 18.35 -41.06
N ALA B 310 -39.75 17.85 -41.65
CA ALA B 310 -40.12 16.45 -41.48
C ALA B 310 -39.24 15.62 -42.43
N PRO B 311 -39.10 14.32 -42.16
CA PRO B 311 -39.73 13.58 -41.05
C PRO B 311 -39.17 13.98 -39.69
N ILE B 312 -39.94 13.72 -38.64
CA ILE B 312 -39.53 14.10 -37.30
C ILE B 312 -39.57 12.94 -36.31
N GLN B 313 -38.44 12.71 -35.65
CA GLN B 313 -38.27 11.63 -34.70
C GLN B 313 -38.92 11.98 -33.36
N GLN B 314 -39.79 11.10 -32.87
CA GLN B 314 -40.44 11.31 -31.56
C GLN B 314 -39.36 11.44 -30.49
N GLY B 315 -39.49 12.43 -29.62
CA GLY B 315 -38.49 12.65 -28.57
C GLY B 315 -37.31 13.44 -29.10
N GLN B 316 -37.52 14.06 -30.27
CA GLN B 316 -36.50 14.87 -30.94
C GLN B 316 -36.57 16.34 -30.52
N VAL B 317 -35.42 16.98 -30.42
CA VAL B 317 -35.36 18.38 -29.98
C VAL B 317 -35.97 19.35 -31.00
N ILE B 318 -37.08 19.96 -30.61
CA ILE B 318 -37.78 20.95 -31.42
C ILE B 318 -37.25 22.35 -31.12
N GLY B 319 -37.26 22.70 -29.83
CA GLY B 319 -36.76 24.00 -29.38
C GLY B 319 -36.45 23.96 -27.90
N LYS B 320 -36.31 25.14 -27.29
CA LYS B 320 -35.99 25.24 -25.87
C LYS B 320 -36.95 26.13 -25.09
N VAL B 321 -37.38 25.63 -23.93
CA VAL B 321 -38.23 26.38 -23.01
C VAL B 321 -37.36 27.03 -21.94
N GLU B 322 -37.58 28.31 -21.67
CA GLU B 322 -36.79 29.05 -20.69
C GLU B 322 -37.64 29.58 -19.55
N VAL B 323 -37.11 29.50 -18.33
CA VAL B 323 -37.80 30.00 -17.16
C VAL B 323 -37.15 31.32 -16.73
N LYS B 324 -37.98 32.31 -16.42
CA LYS B 324 -37.48 33.63 -16.10
C LYS B 324 -37.76 34.11 -14.68
N LEU B 325 -36.75 34.73 -14.08
CA LEU B 325 -36.85 35.37 -12.77
C LEU B 325 -36.37 36.82 -12.94
N ASP B 326 -37.28 37.77 -12.70
CA ASP B 326 -37.00 39.19 -12.93
C ASP B 326 -36.63 39.44 -14.41
N ASP B 327 -37.44 38.87 -15.30
CA ASP B 327 -37.23 39.00 -16.74
C ASP B 327 -35.89 38.39 -17.17
N LYS B 328 -35.17 37.83 -16.19
CA LYS B 328 -33.86 37.21 -16.42
C LYS B 328 -34.01 35.69 -16.52
N VAL B 329 -33.18 35.05 -17.34
CA VAL B 329 -33.26 33.59 -17.54
C VAL B 329 -32.46 32.83 -16.48
N ILE B 330 -33.03 31.74 -15.97
CA ILE B 330 -32.36 30.97 -14.92
C ILE B 330 -32.30 29.45 -15.13
N ARG B 331 -33.34 28.88 -15.76
CA ARG B 331 -33.37 27.44 -16.02
C ARG B 331 -33.78 27.16 -17.46
N SER B 332 -33.15 26.16 -18.08
CA SER B 332 -33.47 25.79 -19.46
C SER B 332 -33.77 24.30 -19.58
N ALA B 333 -34.41 23.93 -20.68
CA ALA B 333 -34.76 22.54 -20.97
C ALA B 333 -35.11 22.35 -22.44
N ASP B 334 -34.82 21.17 -22.96
CA ASP B 334 -35.10 20.85 -24.36
C ASP B 334 -36.54 20.39 -24.58
N LEU B 335 -37.23 21.09 -25.48
CA LEU B 335 -38.58 20.72 -25.86
C LEU B 335 -38.48 19.62 -26.92
N VAL B 336 -39.16 18.51 -26.67
CA VAL B 336 -39.12 17.38 -27.60
C VAL B 336 -40.48 17.06 -28.22
N ALA B 337 -40.45 16.38 -29.36
CA ALA B 337 -41.68 15.97 -30.04
C ALA B 337 -42.36 14.84 -29.28
N LEU B 338 -43.64 15.03 -28.97
CA LEU B 338 -44.40 14.03 -28.22
C LEU B 338 -44.81 12.87 -29.12
N ASN B 339 -45.05 13.17 -30.39
CA ASN B 339 -45.38 12.17 -31.41
C ASN B 339 -44.36 12.27 -32.53
N ALA B 340 -44.33 11.29 -33.41
CA ALA B 340 -43.45 11.37 -34.57
C ALA B 340 -44.30 11.75 -35.78
N VAL B 341 -43.69 12.45 -36.74
CA VAL B 341 -44.37 12.84 -37.97
C VAL B 341 -43.58 12.49 -39.23
N GLU B 342 -44.17 11.62 -40.04
CA GLU B 342 -43.56 11.11 -41.26
C GLU B 342 -43.67 12.09 -42.42
N GLU B 343 -42.72 12.00 -43.35
CA GLU B 343 -42.68 12.89 -44.51
C GLU B 343 -43.96 12.80 -45.34
N GLY B 344 -44.21 13.84 -46.14
CA GLY B 344 -45.40 13.89 -46.99
C GLY B 344 -45.17 14.66 -48.28
N GLY B 345 -46.19 14.72 -49.13
CA GLY B 345 -46.11 15.41 -50.41
C GLY B 345 -47.32 15.15 -51.28
C1 SIN C . 6.50 -10.23 1.20
O1 SIN C . 6.81 -11.45 1.17
O2 SIN C . 6.82 -9.54 2.19
C2 SIN C . 5.73 -9.59 0.07
C3 SIN C . 6.60 -9.16 -1.11
C4 SIN C . 7.86 -8.34 -0.84
O3 SIN C . 7.86 -7.08 -0.84
O4 SIN C . 8.94 -8.89 -0.63
C1 SIN D . -1.26 -9.33 1.50
O1 SIN D . -0.20 -8.93 0.97
O2 SIN D . -1.39 -10.57 1.72
C2 SIN D . -2.39 -8.37 1.85
C3 SIN D . -1.93 -6.91 1.73
C4 SIN D . -0.88 -6.57 2.75
O3 SIN D . -0.58 -7.38 3.68
O4 SIN D . -0.26 -5.48 2.69
C1 SIN E . -8.86 9.50 2.91
O1 SIN E . -9.89 10.18 3.06
O2 SIN E . -8.25 9.08 3.93
C2 SIN E . -8.32 9.17 1.55
C3 SIN E . -6.83 9.55 1.46
C4 SIN E . -6.58 10.81 0.63
O3 SIN E . -5.49 10.96 -0.01
O4 SIN E . -7.45 11.71 0.58
#